data_8JYX
#
_entry.id   8JYX
#
_cell.length_a   81.144
_cell.length_b   91.911
_cell.length_c   105.868
_cell.angle_alpha   90.000
_cell.angle_beta   101.380
_cell.angle_gamma   90.000
#
_symmetry.space_group_name_H-M   'P 1 21 1'
#
loop_
_entity.id
_entity.type
_entity.pdbx_description
1 polymer 'Maltodextrin-binding protein,Gasdermin-like protein rcd-1-1'
2 branched alpha-D-glucopyranose-(1-4)-alpha-D-glucopyranose
3 water water
#
_entity_poly.entity_id   1
_entity_poly.type   'polypeptide(L)'
_entity_poly.pdbx_seq_one_letter_code
;SGRPMKIEEGKLVIWINGDKGYNGLAEVGKKFEKDTGIKVTVEHPDKLEEKFPQVAATGDGPDIIFWAHDRFGGYAQSGL
LAEITPAAAFQDKLYPFTWDAVRYNGKLIAYPIAVEALSLIYNKDLLPNPPKTWEEIPALDKELKAKGKSALMFNLQEPY
FTWPLIAADGGYAFKYAAGKYDIKDVGVDNAGAKAGLTFLVDLIKNKHMNADTDYSIAEAAFNKGETAMTINGPWAWSNI
DTSAVNYGVTVLPTFKGQPSKPFVGVLSAGINAASPNKELAKEFLENYLLTDEGLEAVNKDKPLGAVALKSYEEELAKDP
RIAATMENAQKGEIMPNIPQMSAFWYAVRTAVINAASGRQTVDAALAAAQTNAARAAAMDKCWFTLDNAHYPPPSLDSMR
SGHPISPASLGHLIPSLAHLDQIINAKAIEPFPATMDIHGPTIIEDFKWDHSHEYSLSLGGKVPIPLAPAGVPFVDLNVG
LGGAFSRSVANYWEFDRLERYIMQPTRSYVQKCIERDEVKRWIAKNKSMMMMGRWEVYMITGIIVARGGGRAAAEKTTGK
EFSVEVTVEVPLIVEAGPGGKRNTARQKTWGTSQTGDFVWAVRLAKITKSGLHSDWKMETVFGKTSSFRGQKAIF
;
_entity_poly.pdbx_strand_id   A,B
#
loop_
_chem_comp.id
_chem_comp.type
_chem_comp.name
_chem_comp.formula
GLC D-saccharide, alpha linking alpha-D-glucopyranose 'C6 H12 O6'
#
# COMPACT_ATOMS: atom_id res chain seq x y z
N MET A 5 11.27 -12.74 0.67
CA MET A 5 10.26 -13.76 0.90
C MET A 5 9.19 -13.29 1.87
N LYS A 6 7.92 -13.48 1.50
CA LYS A 6 6.80 -13.08 2.33
C LYS A 6 6.41 -14.18 3.30
N ILE A 7 6.17 -13.80 4.55
CA ILE A 7 5.72 -14.75 5.55
C ILE A 7 4.29 -15.18 5.26
N GLU A 8 4.05 -16.48 5.35
CA GLU A 8 2.74 -17.04 5.01
C GLU A 8 2.59 -18.36 5.73
N GLU A 9 1.34 -18.73 6.02
CA GLU A 9 1.06 -20.00 6.66
C GLU A 9 1.44 -21.14 5.70
N GLY A 10 2.15 -22.14 6.23
CA GLY A 10 2.62 -23.25 5.44
C GLY A 10 4.08 -23.20 5.07
N LYS A 11 4.80 -22.14 5.44
CA LYS A 11 6.22 -22.01 5.13
C LYS A 11 6.92 -21.37 6.32
N LEU A 12 8.24 -21.53 6.34
CA LEU A 12 9.08 -20.95 7.39
C LEU A 12 10.12 -20.04 6.75
N VAL A 13 10.22 -18.81 7.27
CA VAL A 13 11.23 -17.85 6.86
C VAL A 13 12.17 -17.61 8.04
N ILE A 14 13.46 -17.78 7.81
CA ILE A 14 14.47 -17.71 8.87
C ILE A 14 15.46 -16.60 8.54
N TRP A 15 15.80 -15.80 9.55
CA TRP A 15 16.81 -14.77 9.43
C TRP A 15 18.00 -15.12 10.33
N ILE A 16 19.20 -15.05 9.78
CA ILE A 16 20.42 -15.36 10.51
C ILE A 16 21.55 -14.54 9.90
N ASN A 17 22.48 -14.09 10.72
CA ASN A 17 23.50 -13.15 10.28
C ASN A 17 24.42 -13.80 9.24
N GLY A 18 24.89 -12.97 8.30
CA GLY A 18 25.64 -13.46 7.15
C GLY A 18 26.98 -14.08 7.48
N ASP A 19 27.43 -14.01 8.73
CA ASP A 19 28.69 -14.64 9.13
C ASP A 19 28.47 -16.01 9.76
N LYS A 20 27.23 -16.45 9.91
CA LYS A 20 26.93 -17.77 10.44
C LYS A 20 26.75 -18.77 9.30
N GLY A 21 26.64 -20.04 9.67
CA GLY A 21 26.47 -21.10 8.70
C GLY A 21 25.07 -21.19 8.15
N TYR A 22 24.65 -20.21 7.34
CA TYR A 22 23.29 -20.22 6.83
C TYR A 22 23.07 -21.28 5.75
N ASN A 23 24.13 -21.72 5.07
CA ASN A 23 23.98 -22.81 4.12
C ASN A 23 23.72 -24.14 4.82
N GLY A 24 24.46 -24.42 5.89
CA GLY A 24 24.19 -25.62 6.68
C GLY A 24 22.82 -25.58 7.32
N LEU A 25 22.39 -24.40 7.78
CA LEU A 25 21.03 -24.26 8.27
C LEU A 25 20.01 -24.50 7.16
N ALA A 26 20.32 -24.07 5.94
CA ALA A 26 19.43 -24.31 4.81
C ALA A 26 19.33 -25.80 4.48
N GLU A 27 20.42 -26.55 4.69
CA GLU A 27 20.36 -28.00 4.50
C GLU A 27 19.42 -28.64 5.52
N VAL A 28 19.48 -28.18 6.77
CA VAL A 28 18.53 -28.65 7.78
C VAL A 28 17.11 -28.30 7.37
N GLY A 29 16.93 -27.12 6.75
CA GLY A 29 15.62 -26.75 6.25
C GLY A 29 15.17 -27.62 5.08
N LYS A 30 16.11 -28.10 4.28
CA LYS A 30 15.75 -29.00 3.18
C LYS A 30 15.27 -30.33 3.71
N LYS A 31 15.94 -30.86 4.74
CA LYS A 31 15.49 -32.12 5.34
C LYS A 31 14.13 -31.96 5.98
N PHE A 32 13.89 -30.82 6.64
CA PHE A 32 12.57 -30.53 7.19
C PHE A 32 11.53 -30.48 6.09
N GLU A 33 11.89 -29.94 4.92
CA GLU A 33 10.96 -29.90 3.80
C GLU A 33 10.71 -31.29 3.23
N LYS A 34 11.75 -32.14 3.19
CA LYS A 34 11.57 -33.48 2.65
C LYS A 34 10.60 -34.29 3.50
N ASP A 35 10.69 -34.17 4.82
CA ASP A 35 9.83 -34.96 5.71
C ASP A 35 8.41 -34.41 5.75
N THR A 36 8.26 -33.09 5.72
CA THR A 36 6.96 -32.46 5.97
C THR A 36 6.36 -31.73 4.77
N GLY A 37 7.18 -31.38 3.78
CA GLY A 37 6.69 -30.55 2.69
C GLY A 37 6.71 -29.06 2.96
N ILE A 38 7.10 -28.65 4.16
CA ILE A 38 7.12 -27.23 4.51
C ILE A 38 8.42 -26.62 4.01
N LYS A 39 8.31 -25.68 3.08
CA LYS A 39 9.49 -25.01 2.54
C LYS A 39 10.12 -24.12 3.60
N VAL A 40 11.44 -24.18 3.70
CA VAL A 40 12.21 -23.39 4.66
C VAL A 40 13.14 -22.47 3.89
N THR A 41 12.93 -21.16 4.02
CA THR A 41 13.72 -20.15 3.32
C THR A 41 14.62 -19.46 4.32
N VAL A 42 15.93 -19.61 4.14
CA VAL A 42 16.94 -18.98 5.00
C VAL A 42 17.46 -17.74 4.31
N GLU A 43 17.52 -16.63 5.04
CA GLU A 43 18.00 -15.37 4.50
C GLU A 43 18.96 -14.73 5.50
N HIS A 44 19.90 -13.94 4.98
CA HIS A 44 20.89 -13.24 5.79
C HIS A 44 20.94 -11.77 5.39
N PRO A 45 19.88 -11.01 5.70
CA PRO A 45 19.85 -9.60 5.30
C PRO A 45 20.78 -8.76 6.16
N ASP A 46 21.26 -7.67 5.57
CA ASP A 46 22.09 -6.73 6.32
C ASP A 46 21.29 -6.09 7.44
N LYS A 47 21.94 -5.93 8.60
CA LYS A 47 21.34 -5.24 9.75
C LYS A 47 20.01 -5.88 10.16
N LEU A 48 19.98 -7.21 10.21
CA LEU A 48 18.72 -7.89 10.53
C LEU A 48 18.29 -7.60 11.96
N GLU A 49 19.23 -7.38 12.88
CA GLU A 49 18.88 -7.08 14.25
C GLU A 49 18.19 -5.72 14.38
N GLU A 50 18.39 -4.82 13.42
CA GLU A 50 17.68 -3.55 13.40
C GLU A 50 16.41 -3.62 12.55
N LYS A 51 16.42 -4.40 11.48
CA LYS A 51 15.23 -4.52 10.63
C LYS A 51 14.12 -5.28 11.32
N PHE A 52 14.46 -6.26 12.16
CA PHE A 52 13.44 -7.15 12.72
C PHE A 52 12.36 -6.41 13.50
N PRO A 53 12.67 -5.54 14.46
CA PRO A 53 11.58 -4.87 15.20
C PRO A 53 10.65 -4.06 14.32
N GLN A 54 11.16 -3.49 13.22
CA GLN A 54 10.31 -2.73 12.33
C GLN A 54 9.37 -3.65 11.55
N VAL A 55 9.93 -4.68 10.91
CA VAL A 55 9.11 -5.56 10.07
C VAL A 55 8.23 -6.47 10.93
N ALA A 56 8.66 -6.78 12.16
CA ALA A 56 7.81 -7.59 13.03
C ALA A 56 6.61 -6.79 13.54
N ALA A 57 6.78 -5.48 13.71
CA ALA A 57 5.64 -4.63 14.07
C ALA A 57 4.62 -4.60 12.94
N THR A 58 5.08 -4.48 11.70
CA THR A 58 4.19 -4.52 10.54
C THR A 58 3.70 -5.93 10.22
N GLY A 59 4.12 -6.94 10.99
CA GLY A 59 3.71 -8.30 10.74
C GLY A 59 4.26 -8.89 9.46
N ASP A 60 5.41 -8.41 8.99
CA ASP A 60 6.01 -8.86 7.74
C ASP A 60 7.49 -9.14 7.94
N GLY A 61 7.81 -9.96 8.94
CA GLY A 61 9.18 -10.35 9.20
C GLY A 61 9.37 -11.84 9.07
N PRO A 62 10.47 -12.36 9.61
CA PRO A 62 10.73 -13.79 9.55
C PRO A 62 9.96 -14.55 10.61
N ASP A 63 9.75 -15.84 10.34
CA ASP A 63 9.16 -16.73 11.35
C ASP A 63 10.13 -16.97 12.50
N ILE A 64 11.42 -17.15 12.17
CA ILE A 64 12.46 -17.41 13.16
C ILE A 64 13.60 -16.45 12.90
N ILE A 65 14.13 -15.84 13.96
CA ILE A 65 15.26 -14.92 13.86
C ILE A 65 16.38 -15.42 14.75
N PHE A 66 17.57 -15.56 14.17
CA PHE A 66 18.77 -15.96 14.88
C PHE A 66 19.60 -14.74 15.21
N TRP A 67 20.09 -14.66 16.44
CA TRP A 67 20.99 -13.60 16.87
C TRP A 67 21.50 -13.95 18.27
N ALA A 68 22.54 -13.23 18.69
CA ALA A 68 22.97 -13.33 20.07
C ALA A 68 21.84 -12.88 21.00
N HIS A 69 21.85 -13.43 22.21
CA HIS A 69 20.71 -13.26 23.12
C HIS A 69 20.50 -11.83 23.58
N ASP A 70 21.52 -10.96 23.47
CA ASP A 70 21.41 -9.63 24.05
C ASP A 70 20.27 -8.82 23.45
N ARG A 71 19.96 -9.04 22.17
CA ARG A 71 18.90 -8.28 21.51
C ARG A 71 17.50 -8.77 21.86
N PHE A 72 17.37 -10.02 22.30
CA PHE A 72 16.04 -10.62 22.40
C PHE A 72 15.23 -10.06 23.56
N GLY A 73 15.89 -9.57 24.62
CA GLY A 73 15.15 -8.94 25.69
C GLY A 73 14.44 -7.67 25.24
N GLY A 74 15.10 -6.89 24.37
CA GLY A 74 14.43 -5.74 23.79
C GLY A 74 13.27 -6.14 22.90
N TYR A 75 13.42 -7.25 22.17
CA TYR A 75 12.31 -7.77 21.39
C TYR A 75 11.18 -8.25 22.29
N ALA A 76 11.52 -8.91 23.40
CA ALA A 76 10.50 -9.39 24.32
C ALA A 76 9.76 -8.24 24.99
N GLN A 77 10.47 -7.15 25.30
CA GLN A 77 9.82 -5.98 25.88
C GLN A 77 8.74 -5.42 24.96
N SER A 78 9.03 -5.37 23.66
CA SER A 78 8.05 -4.96 22.67
C SER A 78 7.01 -6.03 22.37
N GLY A 79 7.15 -7.22 22.96
CA GLY A 79 6.22 -8.30 22.69
C GLY A 79 6.33 -8.91 21.32
N LEU A 80 7.51 -8.82 20.70
CA LEU A 80 7.73 -9.32 19.35
C LEU A 80 8.11 -10.79 19.31
N LEU A 81 8.41 -11.40 20.44
CA LEU A 81 8.81 -12.80 20.51
C LEU A 81 7.71 -13.64 21.14
N ALA A 82 7.43 -14.79 20.54
CA ALA A 82 6.52 -15.75 21.15
C ALA A 82 7.22 -16.50 22.27
N GLU A 83 6.50 -16.72 23.36
CA GLU A 83 7.05 -17.52 24.45
C GLU A 83 7.17 -18.97 24.00
N ILE A 84 8.37 -19.53 24.08
CA ILE A 84 8.58 -20.91 23.69
C ILE A 84 8.20 -21.82 24.86
N THR A 85 7.58 -22.96 24.55
CA THR A 85 7.08 -23.88 25.54
C THR A 85 7.69 -25.26 25.33
N PRO A 86 8.97 -25.44 25.65
CA PRO A 86 9.60 -26.75 25.49
C PRO A 86 9.26 -27.66 26.67
N ALA A 87 9.02 -28.92 26.35
CA ALA A 87 8.75 -29.90 27.41
C ALA A 87 9.99 -30.06 28.29
N ALA A 88 9.75 -30.54 29.51
CA ALA A 88 10.85 -30.75 30.45
C ALA A 88 11.88 -31.71 29.88
N ALA A 89 11.44 -32.71 29.11
CA ALA A 89 12.38 -33.65 28.51
C ALA A 89 13.30 -32.95 27.52
N PHE A 90 12.80 -31.95 26.79
CA PHE A 90 13.64 -31.23 25.85
C PHE A 90 14.54 -30.23 26.56
N GLN A 91 14.04 -29.57 27.61
CA GLN A 91 14.87 -28.64 28.36
C GLN A 91 16.06 -29.34 28.98
N ASP A 92 15.91 -30.61 29.35
CA ASP A 92 17.04 -31.37 29.91
C ASP A 92 18.10 -31.67 28.87
N LYS A 93 17.80 -31.51 27.58
CA LYS A 93 18.78 -31.73 26.54
C LYS A 93 19.76 -30.57 26.39
N LEU A 94 19.40 -29.38 26.85
CA LEU A 94 20.25 -28.21 26.72
C LEU A 94 20.79 -27.79 28.09
N TYR A 95 21.98 -27.18 28.07
CA TYR A 95 22.60 -26.77 29.32
C TYR A 95 21.78 -25.68 30.00
N PRO A 96 21.66 -25.72 31.33
CA PRO A 96 20.87 -24.69 32.03
C PRO A 96 21.41 -23.28 31.84
N PHE A 97 22.73 -23.14 31.66
CA PHE A 97 23.30 -21.82 31.41
C PHE A 97 22.73 -21.20 30.14
N THR A 98 22.56 -22.01 29.10
CA THR A 98 22.07 -21.47 27.83
C THR A 98 20.59 -21.12 27.93
N TRP A 99 19.80 -21.90 28.67
CA TRP A 99 18.41 -21.53 28.91
C TRP A 99 18.31 -20.22 29.66
N ASP A 100 19.19 -20.02 30.65
CA ASP A 100 19.17 -18.78 31.42
C ASP A 100 19.45 -17.57 30.53
N ALA A 101 20.28 -17.73 29.50
CA ALA A 101 20.61 -16.62 28.63
C ALA A 101 19.42 -16.11 27.83
N VAL A 102 18.41 -16.94 27.61
CA VAL A 102 17.27 -16.56 26.78
C VAL A 102 16.02 -16.42 27.64
N ARG A 103 16.20 -15.93 28.87
CA ARG A 103 15.09 -15.76 29.81
C ARG A 103 14.83 -14.26 30.02
N TYR A 104 13.58 -13.86 29.86
CA TYR A 104 13.16 -12.48 30.07
C TYR A 104 11.88 -12.49 30.89
N ASN A 105 11.91 -11.81 32.04
CA ASN A 105 10.79 -11.81 32.99
C ASN A 105 10.43 -13.23 33.41
N GLY A 106 11.45 -14.08 33.55
CA GLY A 106 11.27 -15.46 33.93
C GLY A 106 10.85 -16.39 32.80
N LYS A 107 10.29 -15.84 31.71
CA LYS A 107 9.82 -16.66 30.61
C LYS A 107 10.92 -16.90 29.59
N LEU A 108 10.92 -18.09 29.00
CA LEU A 108 11.83 -18.40 27.90
C LEU A 108 11.29 -17.77 26.62
N ILE A 109 12.15 -17.05 25.90
CA ILE A 109 11.70 -16.28 24.75
C ILE A 109 12.52 -16.60 23.51
N ALA A 110 13.34 -17.64 23.58
CA ALA A 110 14.13 -18.08 22.43
C ALA A 110 14.73 -19.45 22.75
N TYR A 111 15.15 -20.13 21.69
CA TYR A 111 15.85 -21.41 21.82
C TYR A 111 17.35 -21.16 21.79
N PRO A 112 18.10 -21.52 22.83
CA PRO A 112 19.55 -21.31 22.77
C PRO A 112 20.21 -22.33 21.86
N ILE A 113 21.18 -21.86 21.07
CA ILE A 113 21.86 -22.66 20.06
C ILE A 113 23.30 -22.96 20.47
N ALA A 114 24.07 -21.92 20.77
CA ALA A 114 25.49 -22.12 21.06
C ALA A 114 26.04 -20.91 21.84
N VAL A 115 27.04 -21.19 22.67
CA VAL A 115 27.77 -20.16 23.39
C VAL A 115 28.99 -19.78 22.56
N GLU A 116 29.16 -18.47 22.34
CA GLU A 116 30.25 -17.97 21.51
C GLU A 116 30.97 -16.84 22.22
N ALA A 117 32.29 -16.81 22.05
CA ALA A 117 33.13 -15.77 22.64
C ALA A 117 34.32 -15.54 21.72
N LEU A 118 34.89 -14.34 21.83
CA LEU A 118 36.05 -14.00 21.03
C LEU A 118 37.32 -14.66 21.56
N SER A 119 38.24 -14.96 20.65
CA SER A 119 39.53 -15.54 21.00
C SER A 119 40.60 -14.89 20.15
N LEU A 120 41.85 -15.10 20.55
CA LEU A 120 43.00 -14.68 19.75
C LEU A 120 43.36 -15.79 18.77
N ILE A 121 43.34 -15.47 17.48
CA ILE A 121 43.71 -16.41 16.43
C ILE A 121 45.05 -15.96 15.86
N TYR A 122 46.03 -16.85 15.89
CA TYR A 122 47.39 -16.50 15.51
C TYR A 122 47.92 -17.47 14.46
N ASN A 123 48.85 -16.97 13.65
CA ASN A 123 49.51 -17.78 12.63
C ASN A 123 50.66 -18.53 13.27
N LYS A 124 50.52 -19.86 13.38
CA LYS A 124 51.53 -20.66 14.06
C LYS A 124 52.87 -20.63 13.34
N ASP A 125 52.86 -20.37 12.03
CA ASP A 125 54.11 -20.30 11.28
C ASP A 125 54.79 -18.94 11.45
N LEU A 126 54.02 -17.85 11.40
CA LEU A 126 54.59 -16.52 11.58
C LEU A 126 54.83 -16.20 13.05
N LEU A 127 54.03 -16.77 13.95
CA LEU A 127 54.13 -16.47 15.37
C LEU A 127 53.96 -17.77 16.16
N PRO A 128 55.06 -18.51 16.37
CA PRO A 128 54.93 -19.78 17.09
C PRO A 128 54.54 -19.62 18.54
N ASN A 129 54.90 -18.50 19.17
CA ASN A 129 54.54 -18.22 20.56
C ASN A 129 53.77 -16.91 20.60
N PRO A 130 52.44 -16.94 20.77
CA PRO A 130 51.68 -15.69 20.75
C PRO A 130 51.95 -14.86 21.98
N PRO A 131 51.80 -13.55 21.91
CA PRO A 131 52.04 -12.71 23.08
C PRO A 131 50.94 -12.86 24.10
N LYS A 132 51.34 -12.91 25.37
CA LYS A 132 50.39 -13.06 26.47
C LYS A 132 49.83 -11.72 26.95
N THR A 133 50.42 -10.60 26.55
CA THR A 133 49.97 -9.28 26.98
C THR A 133 49.76 -8.38 25.78
N TRP A 134 48.87 -7.40 25.94
CA TRP A 134 48.70 -6.38 24.90
C TRP A 134 49.91 -5.48 24.78
N GLU A 135 50.65 -5.27 25.88
CA GLU A 135 51.71 -4.28 25.89
C GLU A 135 52.90 -4.68 25.03
N GLU A 136 53.12 -5.97 24.84
CA GLU A 136 54.24 -6.44 24.04
C GLU A 136 53.93 -6.50 22.55
N ILE A 137 52.74 -6.05 22.13
CA ILE A 137 52.32 -6.09 20.73
C ILE A 137 53.01 -5.02 19.90
N PRO A 138 53.19 -3.77 20.38
CA PRO A 138 53.93 -2.79 19.57
C PRO A 138 55.31 -3.26 19.15
N ALA A 139 56.08 -3.85 20.06
CA ALA A 139 57.40 -4.36 19.69
C ALA A 139 57.28 -5.53 18.72
N LEU A 140 56.25 -6.36 18.89
CA LEU A 140 56.05 -7.48 17.96
C LEU A 140 55.67 -6.99 16.57
N ASP A 141 54.87 -5.92 16.49
CA ASP A 141 54.51 -5.36 15.18
C ASP A 141 55.74 -4.78 14.49
N LYS A 142 56.64 -4.17 15.26
CA LYS A 142 57.87 -3.62 14.68
C LYS A 142 58.72 -4.71 14.05
N GLU A 143 58.84 -5.86 14.72
CA GLU A 143 59.59 -6.97 14.15
C GLU A 143 58.87 -7.56 12.94
N LEU A 144 57.54 -7.61 12.99
CA LEU A 144 56.78 -8.21 11.89
C LEU A 144 56.68 -7.27 10.70
N LYS A 145 56.67 -5.96 10.92
CA LYS A 145 56.75 -5.04 9.79
C LYS A 145 58.08 -5.19 9.05
N ALA A 146 59.14 -5.54 9.78
CA ALA A 146 60.42 -5.80 9.14
C ALA A 146 60.38 -7.04 8.27
N LYS A 147 59.54 -8.02 8.61
CA LYS A 147 59.39 -9.24 7.82
C LYS A 147 58.21 -9.17 6.86
N GLY A 148 57.66 -7.97 6.62
CA GLY A 148 56.61 -7.82 5.64
C GLY A 148 55.22 -8.21 6.12
N LYS A 149 54.98 -8.26 7.42
CA LYS A 149 53.68 -8.58 7.99
C LYS A 149 53.31 -7.52 9.02
N SER A 150 52.18 -7.75 9.69
CA SER A 150 51.78 -6.93 10.83
C SER A 150 51.38 -7.85 11.97
N ALA A 151 51.36 -7.30 13.18
CA ALA A 151 51.10 -8.12 14.36
C ALA A 151 49.62 -8.47 14.47
N LEU A 152 48.75 -7.46 14.50
CA LEU A 152 47.35 -7.68 14.83
C LEU A 152 46.46 -6.85 13.92
N MET A 153 45.39 -7.47 13.43
CA MET A 153 44.33 -6.80 12.70
C MET A 153 43.00 -7.43 13.07
N PHE A 154 42.03 -6.60 13.47
CA PHE A 154 40.70 -7.09 13.77
C PHE A 154 39.70 -5.96 13.53
N ASN A 155 38.42 -6.31 13.61
CA ASN A 155 37.35 -5.37 13.27
C ASN A 155 37.30 -4.25 14.29
N LEU A 156 37.71 -3.05 13.87
CA LEU A 156 37.63 -1.86 14.71
C LEU A 156 36.34 -1.10 14.52
N GLN A 157 35.45 -1.55 13.63
CA GLN A 157 34.20 -0.85 13.35
C GLN A 157 33.06 -1.29 14.25
N GLU A 158 33.15 -2.49 14.85
CA GLU A 158 32.12 -2.99 15.75
C GLU A 158 32.67 -3.04 17.16
N PRO A 159 31.99 -2.44 18.14
CA PRO A 159 32.51 -2.43 19.51
C PRO A 159 32.62 -3.81 20.15
N TYR A 160 32.00 -4.82 19.56
CA TYR A 160 32.09 -6.18 20.08
C TYR A 160 33.53 -6.66 20.14
N PHE A 161 34.35 -6.25 19.17
CA PHE A 161 35.73 -6.70 19.08
C PHE A 161 36.69 -5.85 19.90
N THR A 162 36.35 -4.59 20.14
CA THR A 162 37.18 -3.72 20.96
C THR A 162 36.86 -3.84 22.44
N TRP A 163 35.63 -4.25 22.77
CA TRP A 163 35.19 -4.29 24.17
C TRP A 163 36.07 -5.14 25.08
N PRO A 164 36.59 -6.30 24.69
CA PRO A 164 37.43 -7.07 25.63
C PRO A 164 38.60 -6.27 26.18
N LEU A 165 39.22 -5.43 25.36
CA LEU A 165 40.29 -4.58 25.85
C LEU A 165 39.76 -3.45 26.71
N ILE A 166 38.59 -2.90 26.35
CA ILE A 166 37.98 -1.82 27.11
C ILE A 166 37.61 -2.29 28.51
N ALA A 167 37.02 -3.48 28.61
CA ALA A 167 36.55 -4.00 29.89
C ALA A 167 37.64 -4.67 30.71
N ALA A 168 38.86 -4.79 30.18
CA ALA A 168 39.90 -5.56 30.85
C ALA A 168 40.23 -4.98 32.22
N ASP A 169 40.45 -3.67 32.28
CA ASP A 169 40.91 -3.02 33.51
C ASP A 169 39.79 -2.32 34.28
N GLY A 170 38.52 -2.59 33.92
CA GLY A 170 37.44 -2.06 34.73
C GLY A 170 36.25 -1.51 33.99
N GLY A 171 36.30 -1.48 32.67
CA GLY A 171 35.15 -1.05 31.91
C GLY A 171 34.00 -2.05 32.03
N TYR A 172 32.78 -1.54 32.05
CA TYR A 172 31.61 -2.41 32.11
C TYR A 172 30.42 -1.68 31.49
N ALA A 173 29.40 -2.48 31.13
CA ALA A 173 28.20 -1.91 30.51
C ALA A 173 27.22 -1.43 31.57
N PHE A 174 26.57 -2.37 32.27
CA PHE A 174 25.62 -2.05 33.32
C PHE A 174 25.95 -2.90 34.54
N LYS A 175 26.06 -2.25 35.69
CA LYS A 175 26.38 -2.96 36.93
C LYS A 175 25.21 -3.82 37.37
N TYR A 176 25.50 -5.05 37.81
CA TYR A 176 24.50 -5.96 38.32
C TYR A 176 24.48 -5.87 39.84
N ALA A 177 23.36 -5.42 40.39
CA ALA A 177 23.20 -5.30 41.84
C ALA A 177 21.72 -5.44 42.18
N ALA A 178 21.45 -5.96 43.38
CA ALA A 178 20.09 -6.20 43.86
C ALA A 178 19.30 -7.08 42.91
N GLY A 179 19.97 -8.05 42.27
CA GLY A 179 19.32 -8.94 41.34
C GLY A 179 18.87 -8.31 40.05
N LYS A 180 19.34 -7.11 39.72
CA LYS A 180 18.94 -6.41 38.52
C LYS A 180 20.17 -5.75 37.88
N TYR A 181 20.00 -5.32 36.64
CA TYR A 181 20.99 -4.50 35.97
C TYR A 181 20.61 -3.03 36.18
N ASP A 182 21.47 -2.28 36.86
CA ASP A 182 21.21 -0.87 37.11
C ASP A 182 21.52 -0.08 35.85
N ILE A 183 20.47 0.35 35.14
CA ILE A 183 20.64 1.09 33.88
C ILE A 183 21.12 2.51 34.10
N LYS A 184 21.30 2.95 35.36
CA LYS A 184 21.88 4.25 35.65
C LYS A 184 23.34 4.16 36.09
N ASP A 185 23.89 2.96 36.23
CA ASP A 185 25.29 2.75 36.60
C ASP A 185 25.98 2.16 35.37
N VAL A 186 26.50 3.03 34.52
CA VAL A 186 27.25 2.63 33.33
C VAL A 186 28.74 2.82 33.61
N GLY A 187 29.55 1.87 33.15
CA GLY A 187 30.98 1.94 33.34
C GLY A 187 31.74 2.14 32.05
N VAL A 188 31.24 3.03 31.20
CA VAL A 188 31.86 3.26 29.90
C VAL A 188 32.98 4.30 29.98
N ASP A 189 32.92 5.24 30.92
CA ASP A 189 33.90 6.31 31.00
C ASP A 189 34.74 6.27 32.27
N ASN A 190 34.90 5.10 32.89
CA ASN A 190 35.73 5.01 34.09
C ASN A 190 37.19 4.87 33.71
N ALA A 191 38.04 4.72 34.73
CA ALA A 191 39.48 4.68 34.49
C ALA A 191 39.89 3.46 33.69
N GLY A 192 39.29 2.30 33.97
CA GLY A 192 39.64 1.10 33.22
C GLY A 192 39.29 1.20 31.75
N ALA A 193 38.09 1.71 31.45
CA ALA A 193 37.69 1.85 30.05
C ALA A 193 38.52 2.91 29.33
N LYS A 194 38.89 3.98 30.04
CA LYS A 194 39.73 5.01 29.43
C LYS A 194 41.11 4.44 29.08
N ALA A 195 41.71 3.68 29.99
CA ALA A 195 43.02 3.09 29.73
C ALA A 195 42.96 2.11 28.56
N GLY A 196 41.89 1.32 28.49
CA GLY A 196 41.77 0.36 27.41
C GLY A 196 41.63 1.02 26.05
N LEU A 197 40.71 1.98 25.94
CA LEU A 197 40.53 2.67 24.67
C LEU A 197 41.73 3.52 24.30
N THR A 198 42.44 4.06 25.30
CA THR A 198 43.65 4.83 25.01
C THR A 198 44.74 3.94 24.41
N PHE A 199 44.91 2.74 24.95
CA PHE A 199 45.90 1.83 24.41
C PHE A 199 45.57 1.46 22.96
N LEU A 200 44.29 1.29 22.66
CA LEU A 200 43.87 1.01 21.27
C LEU A 200 44.18 2.20 20.37
N VAL A 201 43.84 3.41 20.82
CA VAL A 201 44.10 4.61 20.02
C VAL A 201 45.60 4.79 19.83
N ASP A 202 46.39 4.46 20.84
CA ASP A 202 47.85 4.56 20.70
C ASP A 202 48.39 3.57 19.69
N LEU A 203 47.82 2.36 19.65
CA LEU A 203 48.21 1.38 18.64
C LEU A 203 47.97 1.92 17.23
N ILE A 204 46.87 2.66 17.05
CA ILE A 204 46.59 3.26 15.76
C ILE A 204 47.47 4.48 15.52
N LYS A 205 47.65 5.31 16.55
CA LYS A 205 48.48 6.50 16.42
C LYS A 205 49.91 6.15 16.08
N ASN A 206 50.40 5.00 16.54
CA ASN A 206 51.74 4.53 16.25
C ASN A 206 51.79 3.61 15.03
N LYS A 207 50.76 3.63 14.19
CA LYS A 207 50.72 2.92 12.91
C LYS A 207 50.79 1.40 13.08
N HIS A 208 50.47 0.88 14.26
CA HIS A 208 50.39 -0.56 14.43
C HIS A 208 49.07 -1.13 13.94
N MET A 209 48.02 -0.31 13.87
CA MET A 209 46.74 -0.69 13.28
C MET A 209 46.18 0.52 12.55
N ASN A 210 45.30 0.25 11.59
CA ASN A 210 44.59 1.29 10.85
C ASN A 210 43.16 1.35 11.35
N ALA A 211 42.71 2.58 11.66
CA ALA A 211 41.38 2.76 12.24
C ALA A 211 40.26 2.39 11.27
N ASP A 212 40.55 2.24 9.98
CA ASP A 212 39.55 1.90 8.99
C ASP A 212 39.34 0.40 8.86
N THR A 213 40.12 -0.42 9.57
CA THR A 213 40.02 -1.87 9.44
C THR A 213 38.64 -2.36 9.90
N ASP A 214 37.98 -3.12 9.04
CA ASP A 214 36.70 -3.73 9.40
C ASP A 214 36.80 -5.25 9.41
N TYR A 215 35.67 -5.94 9.32
CA TYR A 215 35.67 -7.40 9.39
C TYR A 215 36.30 -8.01 8.14
N SER A 216 35.94 -7.50 6.96
CA SER A 216 36.46 -8.07 5.73
C SER A 216 37.97 -7.82 5.59
N ILE A 217 38.42 -6.61 5.91
CA ILE A 217 39.84 -6.29 5.80
C ILE A 217 40.67 -7.20 6.70
N ALA A 218 40.21 -7.41 7.93
CA ALA A 218 40.98 -8.22 8.88
C ALA A 218 40.95 -9.70 8.49
N GLU A 219 39.78 -10.20 8.07
CA GLU A 219 39.68 -11.61 7.68
C GLU A 219 40.55 -11.91 6.47
N ALA A 220 40.52 -11.03 5.47
CA ALA A 220 41.34 -11.23 4.28
C ALA A 220 42.83 -11.15 4.61
N ALA A 221 43.21 -10.25 5.51
CA ALA A 221 44.63 -10.08 5.83
C ALA A 221 45.17 -11.29 6.59
N PHE A 222 44.38 -11.85 7.51
CA PHE A 222 44.87 -13.01 8.26
C PHE A 222 44.82 -14.28 7.42
N ASN A 223 43.75 -14.47 6.63
CA ASN A 223 43.63 -15.67 5.82
C ASN A 223 44.60 -15.68 4.64
N LYS A 224 45.16 -14.53 4.29
CA LYS A 224 46.21 -14.46 3.28
C LYS A 224 47.61 -14.56 3.86
N GLY A 225 47.74 -14.57 5.18
CA GLY A 225 49.05 -14.60 5.80
C GLY A 225 49.75 -13.27 5.87
N GLU A 226 49.02 -12.15 5.81
CA GLU A 226 49.62 -10.82 5.86
C GLU A 226 49.73 -10.28 7.27
N THR A 227 48.94 -10.79 8.21
CA THR A 227 49.03 -10.41 9.61
C THR A 227 49.11 -11.66 10.46
N ALA A 228 49.86 -11.59 11.56
CA ALA A 228 50.12 -12.77 12.37
C ALA A 228 48.99 -13.10 13.33
N MET A 229 48.10 -12.16 13.60
CA MET A 229 47.04 -12.38 14.59
C MET A 229 45.76 -11.69 14.17
N THR A 230 44.65 -12.19 14.70
CA THR A 230 43.36 -11.55 14.57
C THR A 230 42.52 -11.94 15.78
N ILE A 231 41.37 -11.30 15.92
CA ILE A 231 40.43 -11.56 17.01
C ILE A 231 39.08 -11.86 16.38
N ASN A 232 38.54 -13.05 16.64
CA ASN A 232 37.28 -13.46 16.03
C ASN A 232 36.71 -14.63 16.81
N GLY A 233 35.48 -14.99 16.46
CA GLY A 233 34.79 -16.09 17.10
C GLY A 233 34.91 -17.39 16.33
N PRO A 234 34.18 -18.41 16.76
CA PRO A 234 34.28 -19.72 16.09
C PRO A 234 33.78 -19.71 14.66
N TRP A 235 32.83 -18.83 14.32
CA TRP A 235 32.26 -18.80 12.98
C TRP A 235 33.31 -18.55 11.90
N ALA A 236 34.45 -17.96 12.26
CA ALA A 236 35.48 -17.62 11.29
C ALA A 236 36.50 -18.73 11.09
N TRP A 237 36.44 -19.80 11.89
CA TRP A 237 37.44 -20.85 11.82
C TRP A 237 37.43 -21.55 10.46
N SER A 238 36.25 -21.82 9.92
CA SER A 238 36.16 -22.59 8.67
C SER A 238 36.77 -21.83 7.49
N ASN A 239 36.66 -20.50 7.49
CA ASN A 239 37.31 -19.73 6.42
C ASN A 239 38.83 -19.81 6.52
N ILE A 240 39.37 -19.88 7.75
CA ILE A 240 40.80 -20.04 7.90
C ILE A 240 41.22 -21.46 7.51
N ASP A 241 40.33 -22.44 7.70
CA ASP A 241 40.62 -23.79 7.24
C ASP A 241 40.83 -23.83 5.74
N THR A 242 39.99 -23.11 4.98
CA THR A 242 40.13 -23.10 3.53
C THR A 242 41.45 -22.47 3.10
N SER A 243 41.97 -21.53 3.87
CA SER A 243 43.22 -20.87 3.53
C SER A 243 44.40 -21.80 3.81
N ALA A 244 45.61 -21.31 3.54
CA ALA A 244 46.84 -22.05 3.77
C ALA A 244 47.54 -21.59 5.04
N VAL A 245 46.77 -21.31 6.09
CA VAL A 245 47.30 -20.76 7.34
C VAL A 245 47.15 -21.80 8.43
N ASN A 246 48.28 -22.30 8.95
CA ASN A 246 48.28 -23.14 10.14
C ASN A 246 48.04 -22.22 11.33
N TYR A 247 46.80 -22.20 11.83
CA TYR A 247 46.39 -21.24 12.83
C TYR A 247 46.18 -21.91 14.19
N GLY A 248 46.16 -21.08 15.23
CA GLY A 248 45.84 -21.53 16.56
C GLY A 248 44.85 -20.58 17.21
N VAL A 249 44.15 -21.10 18.21
CA VAL A 249 43.13 -20.37 18.93
C VAL A 249 43.48 -20.42 20.42
N THR A 250 43.68 -19.26 21.03
CA THR A 250 44.19 -19.20 22.40
C THR A 250 43.54 -18.02 23.13
N VAL A 251 44.03 -17.75 24.34
CA VAL A 251 43.47 -16.68 25.16
C VAL A 251 43.80 -15.32 24.56
N LEU A 252 42.89 -14.38 24.77
CA LEU A 252 43.17 -12.99 24.42
C LEU A 252 44.31 -12.45 25.29
N PRO A 253 45.10 -11.52 24.77
CA PRO A 253 46.21 -10.98 25.57
C PRO A 253 45.68 -10.26 26.80
N THR A 254 46.50 -10.25 27.86
CA THR A 254 46.15 -9.52 29.06
C THR A 254 46.46 -8.04 28.88
N PHE A 255 45.82 -7.22 29.71
CA PHE A 255 46.03 -5.77 29.71
C PHE A 255 46.16 -5.31 31.15
N LYS A 256 47.31 -4.71 31.48
CA LYS A 256 47.64 -4.31 32.84
C LYS A 256 47.51 -5.49 33.80
N GLY A 257 47.97 -6.66 33.34
CA GLY A 257 47.90 -7.87 34.11
C GLY A 257 46.52 -8.52 34.19
N GLN A 258 45.47 -7.81 33.77
CA GLN A 258 44.09 -8.28 33.81
C GLN A 258 43.73 -8.99 32.50
N PRO A 259 42.96 -10.06 32.57
CA PRO A 259 42.53 -10.74 31.33
C PRO A 259 41.55 -9.88 30.56
N SER A 260 41.66 -9.93 29.23
CA SER A 260 40.63 -9.33 28.40
C SER A 260 39.29 -9.99 28.68
N LYS A 261 38.24 -9.18 28.77
CA LYS A 261 36.91 -9.65 29.17
C LYS A 261 35.96 -9.56 27.98
N PRO A 262 35.91 -10.56 27.11
CA PRO A 262 34.98 -10.51 25.98
C PRO A 262 33.54 -10.69 26.45
N PHE A 263 32.63 -10.02 25.75
CA PHE A 263 31.21 -10.17 26.01
C PHE A 263 30.74 -11.51 25.45
N VAL A 264 30.26 -12.38 26.33
CA VAL A 264 29.85 -13.72 25.93
C VAL A 264 28.44 -13.66 25.37
N GLY A 265 28.29 -14.10 24.12
CA GLY A 265 26.99 -14.15 23.46
C GLY A 265 26.51 -15.58 23.33
N VAL A 266 25.19 -15.75 23.39
CA VAL A 266 24.57 -17.06 23.20
C VAL A 266 23.68 -16.93 21.96
N LEU A 267 24.14 -17.51 20.85
CA LEU A 267 23.33 -17.53 19.64
C LEU A 267 22.00 -18.22 19.92
N SER A 268 20.91 -17.54 19.58
CA SER A 268 19.59 -18.01 19.96
C SER A 268 18.61 -17.77 18.81
N ALA A 269 17.59 -18.63 18.73
CA ALA A 269 16.57 -18.56 17.70
C ALA A 269 15.24 -18.21 18.35
N GLY A 270 14.73 -17.01 18.06
CA GLY A 270 13.45 -16.58 18.55
C GLY A 270 12.36 -16.78 17.52
N ILE A 271 11.12 -16.89 18.01
CA ILE A 271 9.96 -17.12 17.16
C ILE A 271 9.13 -15.85 17.12
N ASN A 272 8.81 -15.38 15.91
CA ASN A 272 8.03 -14.17 15.73
C ASN A 272 6.68 -14.31 16.42
N ALA A 273 6.33 -13.29 17.21
CA ALA A 273 5.04 -13.31 17.92
C ALA A 273 3.88 -13.25 16.95
N ALA A 274 4.09 -12.69 15.76
CA ALA A 274 3.07 -12.58 14.73
C ALA A 274 3.10 -13.74 13.74
N SER A 275 4.00 -14.71 13.93
CA SER A 275 4.11 -15.80 12.98
C SER A 275 2.88 -16.69 13.03
N PRO A 276 2.38 -17.15 11.87
CA PRO A 276 1.25 -18.08 11.88
C PRO A 276 1.71 -19.53 11.78
N ASN A 277 3.00 -19.76 12.06
CA ASN A 277 3.61 -21.08 11.93
C ASN A 277 4.44 -21.41 13.17
N LYS A 278 3.92 -21.07 14.35
CA LYS A 278 4.69 -21.25 15.57
C LYS A 278 4.94 -22.72 15.87
N GLU A 279 3.97 -23.59 15.55
CA GLU A 279 4.17 -25.02 15.77
C GLU A 279 5.19 -25.59 14.81
N LEU A 280 5.17 -25.14 13.55
CA LEU A 280 6.18 -25.57 12.59
C LEU A 280 7.57 -25.11 13.02
N ALA A 281 7.67 -23.87 13.49
CA ALA A 281 8.96 -23.34 13.95
C ALA A 281 9.46 -24.13 15.16
N LYS A 282 8.58 -24.42 16.11
CA LYS A 282 8.97 -25.23 17.26
C LYS A 282 9.42 -26.62 16.83
N GLU A 283 8.71 -27.22 15.87
CA GLU A 283 9.09 -28.55 15.38
C GLU A 283 10.46 -28.51 14.71
N PHE A 284 10.72 -27.50 13.88
CA PHE A 284 12.00 -27.40 13.18
C PHE A 284 13.14 -27.18 14.17
N LEU A 285 12.95 -26.30 15.15
CA LEU A 285 14.05 -25.95 16.05
C LEU A 285 14.34 -27.08 17.04
N GLU A 286 13.30 -27.77 17.52
CA GLU A 286 13.51 -28.80 18.52
C GLU A 286 13.91 -30.13 17.89
N ASN A 287 13.20 -30.56 16.85
CA ASN A 287 13.35 -31.91 16.33
C ASN A 287 14.29 -32.03 15.13
N TYR A 288 14.76 -30.90 14.58
CA TYR A 288 15.66 -30.97 13.42
C TYR A 288 16.95 -30.21 13.66
N LEU A 289 16.87 -28.96 14.11
CA LEU A 289 18.07 -28.16 14.32
C LEU A 289 18.79 -28.56 15.61
N LEU A 290 18.10 -28.47 16.75
CA LEU A 290 18.70 -28.82 18.03
C LEU A 290 18.84 -30.34 18.15
N THR A 291 19.49 -30.95 17.17
CA THR A 291 19.86 -32.35 17.18
C THR A 291 21.34 -32.46 16.87
N ASP A 292 21.92 -33.63 17.13
CA ASP A 292 23.32 -33.85 16.81
C ASP A 292 23.60 -33.61 15.33
N GLU A 293 22.65 -33.91 14.47
CA GLU A 293 22.83 -33.85 13.03
C GLU A 293 22.53 -32.48 12.45
N GLY A 294 21.51 -31.80 12.99
CA GLY A 294 21.24 -30.43 12.56
C GLY A 294 22.37 -29.48 12.94
N LEU A 295 22.80 -29.53 14.20
CA LEU A 295 23.92 -28.70 14.62
C LEU A 295 25.21 -29.08 13.91
N GLU A 296 25.37 -30.36 13.57
CA GLU A 296 26.56 -30.78 12.83
C GLU A 296 26.61 -30.12 11.46
N ALA A 297 25.47 -30.09 10.76
CA ALA A 297 25.43 -29.47 9.43
C ALA A 297 25.74 -27.98 9.51
N VAL A 298 25.20 -27.30 10.54
CA VAL A 298 25.50 -25.89 10.71
C VAL A 298 26.95 -25.69 11.12
N ASN A 299 27.44 -26.52 12.04
CA ASN A 299 28.81 -26.36 12.52
C ASN A 299 29.83 -26.64 11.43
N LYS A 300 29.54 -27.57 10.52
CA LYS A 300 30.45 -27.86 9.42
C LYS A 300 30.48 -26.72 8.41
N ASP A 301 29.38 -25.96 8.30
CA ASP A 301 29.39 -24.76 7.48
C ASP A 301 30.22 -23.67 8.16
N LYS A 302 29.76 -23.21 9.32
CA LYS A 302 30.48 -22.26 10.15
C LYS A 302 30.42 -22.74 11.59
N PRO A 303 31.57 -22.92 12.25
CA PRO A 303 31.54 -23.45 13.63
C PRO A 303 30.74 -22.56 14.56
N LEU A 304 30.04 -23.20 15.50
CA LEU A 304 29.14 -22.52 16.42
C LEU A 304 29.78 -22.20 17.77
N GLY A 305 30.87 -22.86 18.12
CA GLY A 305 31.44 -22.72 19.46
C GLY A 305 30.99 -23.85 20.35
N ALA A 306 30.64 -23.54 21.60
CA ALA A 306 30.16 -24.53 22.55
C ALA A 306 28.64 -24.61 22.43
N VAL A 307 28.15 -25.64 21.73
CA VAL A 307 26.72 -25.72 21.45
C VAL A 307 25.93 -26.00 22.73
N ALA A 308 24.67 -25.61 22.71
CA ALA A 308 23.80 -25.80 23.87
C ALA A 308 23.33 -27.23 24.04
N LEU A 309 23.29 -28.02 22.96
CA LEU A 309 22.86 -29.40 23.05
C LEU A 309 23.95 -30.24 23.71
N LYS A 310 23.62 -30.88 24.84
CA LYS A 310 24.62 -31.55 25.64
C LYS A 310 25.33 -32.66 24.87
N SER A 311 24.58 -33.41 24.05
CA SER A 311 25.16 -34.56 23.36
C SER A 311 26.22 -34.12 22.35
N TYR A 312 25.87 -33.19 21.47
CA TYR A 312 26.84 -32.72 20.48
C TYR A 312 27.95 -31.89 21.11
N GLU A 313 27.66 -31.24 22.24
CA GLU A 313 28.71 -30.49 22.94
C GLU A 313 29.75 -31.43 23.53
N GLU A 314 29.30 -32.52 24.16
CA GLU A 314 30.23 -33.53 24.66
C GLU A 314 31.06 -34.13 23.53
N GLU A 315 30.47 -34.23 22.34
CA GLU A 315 31.19 -34.82 21.21
C GLU A 315 32.31 -33.89 20.73
N LEU A 316 32.07 -32.59 20.75
CA LEU A 316 33.05 -31.62 20.27
C LEU A 316 33.98 -31.09 21.37
N ALA A 317 33.76 -31.51 22.62
CA ALA A 317 34.49 -30.91 23.75
C ALA A 317 35.99 -31.13 23.67
N LYS A 318 36.45 -32.14 22.92
CA LYS A 318 37.89 -32.39 22.81
C LYS A 318 38.60 -31.39 21.91
N ASP A 319 37.86 -30.57 21.17
CA ASP A 319 38.45 -29.61 20.25
C ASP A 319 39.16 -28.51 21.05
N PRO A 320 40.47 -28.31 20.85
CA PRO A 320 41.16 -27.26 21.63
C PRO A 320 40.69 -25.86 21.30
N ARG A 321 40.16 -25.64 20.09
CA ARG A 321 39.63 -24.31 19.76
C ARG A 321 38.38 -24.00 20.58
N ILE A 322 37.54 -25.01 20.83
CA ILE A 322 36.40 -24.82 21.71
C ILE A 322 36.86 -24.55 23.13
N ALA A 323 37.91 -25.25 23.57
CA ALA A 323 38.43 -25.02 24.92
C ALA A 323 38.96 -23.60 25.06
N ALA A 324 39.62 -23.08 24.02
CA ALA A 324 40.05 -21.68 24.05
C ALA A 324 38.86 -20.73 24.07
N THR A 325 37.81 -21.05 23.31
CA THR A 325 36.59 -20.26 23.36
C THR A 325 35.99 -20.27 24.76
N MET A 326 35.98 -21.43 25.41
CA MET A 326 35.44 -21.51 26.76
C MET A 326 36.30 -20.76 27.76
N GLU A 327 37.62 -20.77 27.58
CA GLU A 327 38.50 -20.08 28.51
C GLU A 327 38.30 -18.57 28.43
N ASN A 328 38.25 -18.03 27.21
CA ASN A 328 37.97 -16.60 27.05
C ASN A 328 36.56 -16.26 27.55
N ALA A 329 35.61 -17.18 27.38
CA ALA A 329 34.26 -16.92 27.85
C ALA A 329 34.20 -16.87 29.38
N GLN A 330 34.95 -17.75 30.06
CA GLN A 330 34.97 -17.73 31.51
C GLN A 330 35.62 -16.46 32.04
N LYS A 331 36.66 -15.97 31.34
CA LYS A 331 37.32 -14.73 31.75
C LYS A 331 36.51 -13.49 31.43
N GLY A 332 35.45 -13.61 30.62
CA GLY A 332 34.61 -12.49 30.26
C GLY A 332 33.32 -12.45 31.05
N GLU A 333 32.33 -11.75 30.49
CA GLU A 333 31.02 -11.62 31.11
C GLU A 333 29.94 -11.94 30.09
N ILE A 334 28.85 -12.53 30.60
CA ILE A 334 27.68 -12.75 29.77
C ILE A 334 27.06 -11.39 29.42
N MET A 335 26.52 -11.29 28.21
CA MET A 335 25.87 -10.06 27.81
C MET A 335 24.52 -9.92 28.51
N PRO A 336 24.18 -8.73 29.01
CA PRO A 336 22.81 -8.50 29.44
C PRO A 336 21.87 -8.51 28.25
N ASN A 337 20.63 -8.93 28.49
CA ASN A 337 19.60 -8.89 27.46
C ASN A 337 18.60 -7.77 27.70
N ILE A 338 18.89 -6.86 28.62
CA ILE A 338 17.98 -5.76 28.94
C ILE A 338 17.78 -4.90 27.69
N PRO A 339 16.63 -4.25 27.53
CA PRO A 339 16.39 -3.48 26.29
C PRO A 339 17.40 -2.37 26.04
N GLN A 340 18.08 -1.88 27.09
CA GLN A 340 19.01 -0.78 26.93
C GLN A 340 20.30 -1.18 26.23
N MET A 341 20.51 -2.47 25.99
CA MET A 341 21.77 -2.91 25.38
C MET A 341 21.94 -2.36 23.97
N SER A 342 20.84 -2.13 23.25
CA SER A 342 20.94 -1.55 21.91
C SER A 342 21.51 -0.14 21.97
N ALA A 343 21.06 0.67 22.93
CA ALA A 343 21.62 2.01 23.09
C ALA A 343 23.07 1.94 23.56
N PHE A 344 23.39 0.97 24.40
CA PHE A 344 24.77 0.79 24.85
C PHE A 344 25.70 0.54 23.68
N TRP A 345 25.34 -0.40 22.80
CA TRP A 345 26.20 -0.73 21.67
C TRP A 345 26.37 0.45 20.73
N TYR A 346 25.29 1.16 20.44
CA TYR A 346 25.39 2.32 19.56
C TYR A 346 26.32 3.38 20.15
N ALA A 347 26.22 3.60 21.46
CA ALA A 347 27.07 4.61 22.11
C ALA A 347 28.54 4.21 22.05
N VAL A 348 28.84 2.95 22.38
CA VAL A 348 30.22 2.49 22.37
C VAL A 348 30.75 2.41 20.94
N ARG A 349 29.91 2.05 19.98
CA ARG A 349 30.34 2.04 18.58
C ARG A 349 30.77 3.43 18.13
N THR A 350 29.97 4.44 18.46
CA THR A 350 30.32 5.82 18.11
C THR A 350 31.59 6.26 18.84
N ALA A 351 31.74 5.86 20.11
CA ALA A 351 32.88 6.29 20.90
C ALA A 351 34.18 5.73 20.34
N VAL A 352 34.21 4.42 20.04
CA VAL A 352 35.43 3.80 19.52
C VAL A 352 35.80 4.38 18.17
N ILE A 353 34.81 4.59 17.31
CA ILE A 353 35.10 5.11 15.97
C ILE A 353 35.62 6.55 16.07
N ASN A 354 35.03 7.36 16.94
CA ASN A 354 35.44 8.76 17.04
C ASN A 354 36.78 8.92 17.74
N ALA A 355 37.15 7.99 18.62
CA ALA A 355 38.46 8.03 19.27
C ALA A 355 39.55 7.40 18.40
N ALA A 356 39.22 6.34 17.66
CA ALA A 356 40.23 5.69 16.82
C ALA A 356 40.64 6.55 15.64
N SER A 357 39.71 7.34 15.09
CA SER A 357 40.01 8.20 13.94
C SER A 357 40.63 9.54 14.33
N GLY A 358 40.56 9.92 15.60
CA GLY A 358 41.07 11.19 16.04
C GLY A 358 40.08 12.33 16.05
N ARG A 359 38.82 12.07 15.68
CA ARG A 359 37.81 13.13 15.72
C ARG A 359 37.64 13.67 17.12
N GLN A 360 37.63 12.79 18.13
CA GLN A 360 37.49 13.17 19.52
C GLN A 360 38.59 12.53 20.35
N THR A 361 38.88 13.14 21.49
CA THR A 361 39.74 12.51 22.48
C THR A 361 39.02 11.30 23.09
N VAL A 362 39.80 10.47 23.78
CA VAL A 362 39.22 9.33 24.49
C VAL A 362 38.25 9.80 25.56
N ASP A 363 38.62 10.86 26.29
CA ASP A 363 37.76 11.36 27.35
C ASP A 363 36.45 11.90 26.79
N ALA A 364 36.50 12.61 25.66
CA ALA A 364 35.28 13.18 25.10
C ALA A 364 34.40 12.11 24.47
N ALA A 365 35.02 11.14 23.79
CA ALA A 365 34.25 10.06 23.17
C ALA A 365 33.54 9.22 24.21
N LEU A 366 34.26 8.85 25.28
CA LEU A 366 33.67 7.98 26.30
C LEU A 366 32.67 8.73 27.18
N ALA A 367 32.88 10.03 27.39
CA ALA A 367 31.93 10.81 28.18
C ALA A 367 30.59 10.90 27.47
N ALA A 368 30.60 11.21 26.17
CA ALA A 368 29.36 11.22 25.40
C ALA A 368 28.72 9.85 25.32
N ALA A 369 29.53 8.79 25.28
CA ALA A 369 28.99 7.44 25.23
C ALA A 369 28.35 7.06 26.56
N GLN A 370 28.94 7.49 27.67
CA GLN A 370 28.34 7.24 28.99
C GLN A 370 26.95 7.86 29.08
N THR A 371 26.82 9.11 28.62
CA THR A 371 25.54 9.80 28.72
C THR A 371 24.49 9.14 27.83
N ASN A 372 24.86 8.80 26.59
CA ASN A 372 23.90 8.23 25.65
C ASN A 372 23.42 6.86 26.09
N ALA A 373 24.30 6.06 26.70
CA ALA A 373 23.90 4.73 27.14
C ALA A 373 23.00 4.79 28.37
N ALA A 374 23.37 5.64 29.35
CA ALA A 374 22.54 5.78 30.55
C ALA A 374 21.24 6.52 30.26
N ARG A 375 21.26 7.41 29.27
CA ARG A 375 20.04 8.02 28.75
C ARG A 375 19.49 7.21 27.60
N ALA A 376 19.43 5.88 27.76
CA ALA A 376 18.87 5.01 26.74
C ALA A 376 17.52 5.55 26.27
N ALA A 377 16.59 5.71 27.21
CA ALA A 377 15.31 6.36 26.99
C ALA A 377 14.71 6.01 25.64
N ALA A 378 14.24 7.01 24.90
CA ALA A 378 13.76 6.85 23.53
C ALA A 378 12.75 5.72 23.42
N MET A 379 12.24 5.24 24.56
CA MET A 379 11.27 4.16 24.57
C MET A 379 9.96 4.67 23.97
N ASP A 380 9.82 4.56 22.65
CA ASP A 380 8.65 5.06 21.93
C ASP A 380 7.37 4.58 22.61
N LYS A 381 6.59 5.54 23.10
CA LYS A 381 5.49 5.26 24.00
C LYS A 381 4.20 5.06 23.24
N CYS A 382 3.48 3.98 23.56
CA CYS A 382 2.21 3.69 22.89
C CYS A 382 1.11 3.28 23.86
N TRP A 383 1.29 3.48 25.16
CA TRP A 383 0.33 3.05 26.17
C TRP A 383 -0.34 4.27 26.79
N PHE A 384 -1.67 4.27 26.79
CA PHE A 384 -2.48 5.37 27.30
C PHE A 384 -3.30 4.89 28.48
N THR A 385 -3.23 5.63 29.58
CA THR A 385 -4.04 5.29 30.75
C THR A 385 -5.50 5.60 30.50
N LEU A 386 -6.37 4.80 31.11
CA LEU A 386 -7.82 5.03 31.04
C LEU A 386 -8.21 5.90 32.23
N ASP A 387 -8.31 7.20 31.99
CA ASP A 387 -8.56 8.15 33.06
C ASP A 387 -10.06 8.23 33.36
N ASN A 388 -10.36 8.51 34.63
CA ASN A 388 -11.73 8.71 35.10
C ASN A 388 -12.60 7.49 34.83
N ALA A 389 -12.03 6.30 35.04
CA ALA A 389 -12.76 5.06 34.82
C ALA A 389 -12.03 3.93 35.53
N HIS A 390 -12.79 2.84 35.80
CA HIS A 390 -12.27 1.66 36.46
C HIS A 390 -12.89 0.44 35.76
N TYR A 391 -12.46 0.19 34.53
CA TYR A 391 -13.03 -0.88 33.73
C TYR A 391 -12.51 -2.22 34.21
N PRO A 392 -13.37 -3.14 34.67
CA PRO A 392 -12.90 -4.44 35.09
C PRO A 392 -12.29 -5.20 33.93
N PRO A 393 -11.31 -6.07 34.19
CA PRO A 393 -10.60 -6.70 33.08
C PRO A 393 -11.46 -7.76 32.41
N PRO A 394 -11.30 -7.98 31.11
CA PRO A 394 -11.96 -9.11 30.47
C PRO A 394 -11.26 -10.41 30.82
N SER A 395 -12.06 -11.43 31.15
CA SER A 395 -11.49 -12.74 31.40
C SER A 395 -10.85 -13.27 30.13
N LEU A 396 -9.75 -14.01 30.29
CA LEU A 396 -9.03 -14.54 29.13
C LEU A 396 -9.93 -15.43 28.28
N ASP A 397 -10.91 -16.10 28.90
CA ASP A 397 -11.83 -16.93 28.15
C ASP A 397 -12.73 -16.09 27.24
N SER A 398 -13.08 -14.88 27.67
CA SER A 398 -14.01 -14.04 26.93
C SER A 398 -13.35 -13.23 25.82
N MET A 399 -12.02 -13.18 25.78
CA MET A 399 -11.35 -12.31 24.80
C MET A 399 -11.50 -12.83 23.38
N ARG A 400 -11.66 -14.15 23.22
CA ARG A 400 -11.92 -14.76 21.92
C ARG A 400 -13.40 -15.00 21.68
N SER A 401 -14.26 -14.59 22.60
CA SER A 401 -15.68 -14.97 22.55
C SER A 401 -16.45 -14.25 21.46
N GLY A 402 -15.96 -13.10 21.00
CA GLY A 402 -16.71 -12.27 20.08
C GLY A 402 -17.59 -11.24 20.75
N HIS A 403 -17.85 -11.37 22.05
CA HIS A 403 -18.64 -10.39 22.77
C HIS A 403 -18.17 -10.21 24.22
N PRO A 404 -16.92 -9.82 24.44
CA PRO A 404 -16.47 -9.56 25.82
C PRO A 404 -17.27 -8.42 26.44
N ILE A 405 -17.33 -8.43 27.76
CA ILE A 405 -18.19 -7.48 28.47
C ILE A 405 -17.50 -6.14 28.65
N SER A 406 -16.22 -6.14 29.03
CA SER A 406 -15.53 -4.90 29.36
C SER A 406 -15.34 -4.05 28.11
N PRO A 407 -15.55 -2.73 28.21
CA PRO A 407 -15.26 -1.86 27.05
C PRO A 407 -13.80 -1.88 26.65
N ALA A 408 -12.89 -2.12 27.61
CA ALA A 408 -11.46 -2.16 27.32
C ALA A 408 -11.02 -3.61 27.17
N SER A 409 -11.36 -4.18 26.02
CA SER A 409 -10.92 -5.52 25.65
C SER A 409 -10.43 -5.51 24.20
N LEU A 410 -9.53 -6.43 23.90
CA LEU A 410 -8.90 -6.46 22.58
C LEU A 410 -9.94 -6.67 21.49
N GLY A 411 -9.68 -6.04 20.34
CA GLY A 411 -10.56 -6.13 19.19
C GLY A 411 -11.62 -5.05 19.11
N HIS A 412 -11.88 -4.35 20.20
CA HIS A 412 -12.91 -3.32 20.19
C HIS A 412 -12.50 -2.15 19.31
N LEU A 413 -13.46 -1.67 18.52
CA LEU A 413 -13.26 -0.55 17.62
C LEU A 413 -13.97 0.68 18.19
N ILE A 414 -13.23 1.78 18.31
CA ILE A 414 -13.75 3.00 18.93
C ILE A 414 -13.51 4.18 18.01
N PRO A 415 -14.35 5.22 18.06
CA PRO A 415 -14.04 6.44 17.30
C PRO A 415 -12.74 7.10 17.74
N SER A 416 -12.50 7.13 19.05
CA SER A 416 -11.25 7.64 19.60
C SER A 416 -11.12 7.15 21.02
N LEU A 417 -9.95 7.42 21.62
CA LEU A 417 -9.72 7.04 23.01
C LEU A 417 -10.71 7.73 23.95
N ALA A 418 -11.10 8.96 23.63
CA ALA A 418 -12.10 9.67 24.43
C ALA A 418 -13.51 9.16 24.23
N HIS A 419 -13.71 8.15 23.37
CA HIS A 419 -15.03 7.62 23.08
C HIS A 419 -15.07 6.12 23.31
N LEU A 420 -14.43 5.66 24.39
CA LEU A 420 -14.51 4.24 24.74
C LEU A 420 -15.92 3.82 25.15
N ASP A 421 -16.82 4.78 25.38
CA ASP A 421 -18.23 4.50 25.61
C ASP A 421 -18.99 4.24 24.33
N GLN A 422 -18.34 4.36 23.17
CA GLN A 422 -19.00 4.16 21.88
C GLN A 422 -18.33 3.03 21.11
N ILE A 423 -18.35 1.82 21.67
CA ILE A 423 -17.78 0.67 20.97
C ILE A 423 -18.57 0.42 19.70
N ILE A 424 -17.89 0.54 18.55
CA ILE A 424 -18.59 0.37 17.27
C ILE A 424 -19.00 -1.09 17.09
N ASN A 425 -18.11 -2.02 17.40
CA ASN A 425 -18.35 -3.45 17.22
C ASN A 425 -18.70 -4.14 18.53
N ALA A 426 -19.49 -3.48 19.38
CA ALA A 426 -19.85 -4.04 20.68
C ALA A 426 -20.61 -5.34 20.49
N LYS A 427 -20.09 -6.42 21.07
CA LYS A 427 -20.63 -7.78 20.99
C LYS A 427 -20.65 -8.32 19.57
N ALA A 428 -19.96 -7.66 18.64
CA ALA A 428 -19.88 -8.10 17.26
C ALA A 428 -18.43 -8.05 16.77
N ILE A 429 -17.50 -8.51 17.61
CA ILE A 429 -16.10 -8.51 17.23
C ILE A 429 -15.87 -9.63 16.22
N GLU A 430 -15.25 -9.27 15.09
CA GLU A 430 -14.88 -10.26 14.10
C GLU A 430 -14.01 -11.34 14.76
N PRO A 431 -14.30 -12.62 14.52
CA PRO A 431 -13.53 -13.68 15.18
C PRO A 431 -12.05 -13.59 14.85
N PHE A 432 -11.22 -13.73 15.87
CA PHE A 432 -9.78 -13.79 15.68
C PHE A 432 -9.43 -15.09 14.95
N PRO A 433 -8.74 -15.02 13.82
CA PRO A 433 -8.27 -16.26 13.18
C PRO A 433 -7.34 -17.02 14.11
N ALA A 434 -7.22 -18.33 13.85
CA ALA A 434 -6.37 -19.17 14.69
C ALA A 434 -4.91 -18.76 14.64
N THR A 435 -4.52 -17.96 13.65
CA THR A 435 -3.15 -17.49 13.57
C THR A 435 -2.89 -16.29 14.47
N MET A 436 -3.95 -15.52 14.79
CA MET A 436 -3.83 -14.33 15.63
C MET A 436 -3.92 -14.75 17.10
N ASP A 437 -2.76 -14.96 17.72
CA ASP A 437 -2.73 -15.30 19.13
C ASP A 437 -2.85 -14.06 20.00
N ILE A 438 -3.39 -14.26 21.19
CA ILE A 438 -3.44 -13.23 22.22
C ILE A 438 -2.33 -13.54 23.22
N HIS A 439 -1.27 -12.73 23.20
CA HIS A 439 -0.11 -12.95 24.05
C HIS A 439 -0.37 -12.34 25.43
N GLY A 440 -0.50 -13.19 26.44
CA GLY A 440 -0.80 -12.77 27.79
C GLY A 440 -1.38 -13.89 28.61
N PRO A 441 -1.36 -13.75 29.94
CA PRO A 441 -0.87 -12.61 30.74
C PRO A 441 0.64 -12.57 30.83
N THR A 442 1.25 -11.41 30.58
CA THR A 442 2.69 -11.24 30.73
C THR A 442 2.94 -10.28 31.88
N ILE A 443 3.65 -10.76 32.91
CA ILE A 443 3.98 -9.93 34.06
C ILE A 443 5.04 -8.92 33.62
N ILE A 444 4.64 -7.65 33.52
CA ILE A 444 5.59 -6.60 33.15
C ILE A 444 6.12 -5.84 34.35
N GLU A 445 5.46 -5.93 35.50
CA GLU A 445 5.91 -5.20 36.69
C GLU A 445 5.34 -5.88 37.92
N ASP A 446 6.22 -6.31 38.83
CA ASP A 446 5.84 -6.81 40.15
C ASP A 446 6.02 -5.67 41.15
N PHE A 447 4.91 -5.17 41.68
CA PHE A 447 4.95 -4.04 42.60
C PHE A 447 5.38 -4.49 43.99
N LYS A 448 6.36 -3.79 44.56
CA LYS A 448 6.87 -4.05 45.90
C LYS A 448 6.97 -2.70 46.62
N TRP A 449 5.88 -2.29 47.26
CA TRP A 449 5.86 -1.01 47.96
C TRP A 449 6.19 -1.17 49.44
N ASN A 478 11.88 7.39 38.51
CA ASN A 478 12.98 6.45 38.39
C ASN A 478 12.72 5.43 37.28
N VAL A 479 13.26 4.22 37.46
CA VAL A 479 13.13 3.15 36.49
C VAL A 479 11.96 2.27 36.87
N GLY A 480 11.12 1.94 35.89
CA GLY A 480 9.95 1.12 36.10
C GLY A 480 8.67 1.92 35.96
N LEU A 481 7.55 1.19 35.98
CA LEU A 481 6.23 1.79 35.84
C LEU A 481 5.60 2.13 37.18
N GLY A 482 6.32 1.95 38.29
CA GLY A 482 5.75 2.26 39.59
C GLY A 482 5.42 3.74 39.74
N GLY A 483 6.26 4.61 39.19
CA GLY A 483 6.00 6.04 39.28
C GLY A 483 4.77 6.45 38.49
N ALA A 484 4.66 5.97 37.25
CA ALA A 484 3.50 6.30 36.43
C ALA A 484 2.22 5.73 37.03
N PHE A 485 2.30 4.53 37.62
CA PHE A 485 1.11 3.91 38.21
C PHE A 485 0.71 4.61 39.50
N SER A 486 1.68 4.94 40.36
CA SER A 486 1.36 5.63 41.60
C SER A 486 0.83 7.03 41.34
N ARG A 487 1.35 7.71 40.31
CA ARG A 487 0.84 9.04 39.98
C ARG A 487 -0.54 8.99 39.34
N SER A 488 -0.94 7.85 38.78
CA SER A 488 -2.21 7.73 38.08
C SER A 488 -3.30 7.08 38.92
N VAL A 489 -2.95 6.23 39.87
CA VAL A 489 -3.92 5.47 40.66
C VAL A 489 -3.82 5.93 42.11
N ALA A 490 -4.94 6.37 42.66
CA ALA A 490 -4.95 6.91 44.02
C ALA A 490 -4.60 5.84 45.04
N ASN A 491 -5.13 4.64 44.87
CA ASN A 491 -4.85 3.51 45.77
C ASN A 491 -3.82 2.57 45.15
N TYR A 492 -2.69 3.13 44.71
CA TYR A 492 -1.72 2.34 43.96
C TYR A 492 -1.17 1.17 44.76
N TRP A 493 -0.93 1.38 46.06
CA TRP A 493 -0.31 0.36 46.89
C TRP A 493 -1.18 -0.88 47.06
N GLU A 494 -2.47 -0.82 46.72
CA GLU A 494 -3.37 -1.96 46.86
C GLU A 494 -3.32 -2.89 45.66
N PHE A 495 -2.37 -2.71 44.75
CA PHE A 495 -2.16 -3.60 43.61
C PHE A 495 -0.72 -4.05 43.61
N ASP A 496 -0.48 -5.31 43.24
CA ASP A 496 0.86 -5.87 43.32
C ASP A 496 1.50 -6.18 41.98
N ARG A 497 0.76 -6.02 40.87
CA ARG A 497 1.25 -6.57 39.62
C ARG A 497 0.57 -5.88 38.44
N LEU A 498 1.28 -5.86 37.31
CA LEU A 498 0.73 -5.41 36.04
C LEU A 498 0.86 -6.54 35.03
N GLU A 499 -0.24 -6.87 34.36
CA GLU A 499 -0.28 -7.97 33.40
C GLU A 499 -0.70 -7.44 32.04
N ARG A 500 0.04 -7.82 31.01
CA ARG A 500 -0.15 -7.30 29.66
C ARG A 500 -0.74 -8.38 28.75
N TYR A 501 -1.72 -7.98 27.94
CA TYR A 501 -2.31 -8.84 26.93
C TYR A 501 -2.19 -8.14 25.58
N ILE A 502 -1.50 -8.78 24.64
CA ILE A 502 -1.13 -8.17 23.37
C ILE A 502 -1.62 -9.04 22.21
N MET A 503 -2.15 -8.40 21.18
CA MET A 503 -2.46 -9.06 19.91
C MET A 503 -2.01 -8.16 18.78
N GLN A 504 -1.81 -8.77 17.62
CA GLN A 504 -1.35 -8.05 16.43
C GLN A 504 -2.31 -8.31 15.27
N PRO A 505 -3.13 -7.33 14.89
CA PRO A 505 -4.11 -7.57 13.82
C PRO A 505 -3.44 -7.71 12.46
N THR A 506 -3.93 -8.66 11.68
CA THR A 506 -3.46 -8.85 10.31
C THR A 506 -4.28 -8.00 9.34
N ARG A 507 -3.73 -7.83 8.14
CA ARG A 507 -4.44 -7.11 7.10
C ARG A 507 -5.80 -7.75 6.80
N SER A 508 -5.84 -9.08 6.71
CA SER A 508 -7.09 -9.75 6.36
C SER A 508 -8.10 -9.68 7.49
N TYR A 509 -7.65 -9.69 8.75
CA TYR A 509 -8.59 -9.56 9.86
C TYR A 509 -9.23 -8.18 9.87
N VAL A 510 -8.43 -7.13 9.68
CA VAL A 510 -8.97 -5.77 9.67
C VAL A 510 -9.92 -5.58 8.50
N GLN A 511 -9.59 -6.17 7.34
CA GLN A 511 -10.46 -6.07 6.18
C GLN A 511 -11.84 -6.66 6.48
N LYS A 512 -11.88 -7.78 7.21
CA LYS A 512 -13.17 -8.34 7.61
C LYS A 512 -13.87 -7.47 8.63
N CYS A 513 -13.09 -6.82 9.51
CA CYS A 513 -13.69 -5.93 10.51
C CYS A 513 -14.36 -4.73 9.85
N ILE A 514 -13.64 -4.07 8.93
CA ILE A 514 -14.15 -2.86 8.30
C ILE A 514 -15.26 -3.14 7.30
N GLU A 515 -15.50 -4.40 6.96
CA GLU A 515 -16.57 -4.78 6.06
C GLU A 515 -17.85 -5.21 6.77
N ARG A 516 -17.83 -5.24 8.10
CA ARG A 516 -19.02 -5.61 8.85
C ARG A 516 -19.99 -4.43 8.92
N ASP A 517 -21.26 -4.76 9.18
CA ASP A 517 -22.33 -3.76 9.09
C ASP A 517 -22.15 -2.66 10.13
N GLU A 518 -21.65 -3.01 11.32
CA GLU A 518 -21.48 -2.00 12.35
C GLU A 518 -20.47 -0.94 11.93
N VAL A 519 -19.39 -1.34 11.27
CA VAL A 519 -18.39 -0.39 10.83
C VAL A 519 -18.86 0.38 9.59
N LYS A 520 -19.52 -0.31 8.66
CA LYS A 520 -19.99 0.37 7.46
C LYS A 520 -21.04 1.42 7.80
N ARG A 521 -21.95 1.10 8.72
CA ARG A 521 -22.96 2.09 9.12
C ARG A 521 -22.33 3.25 9.87
N TRP A 522 -21.33 2.97 10.71
CA TRP A 522 -20.67 4.04 11.45
C TRP A 522 -19.93 4.98 10.50
N ILE A 523 -19.26 4.43 9.48
CA ILE A 523 -18.58 5.26 8.50
C ILE A 523 -19.60 6.06 7.69
N ALA A 524 -20.75 5.46 7.38
CA ALA A 524 -21.75 6.10 6.54
C ALA A 524 -22.46 7.26 7.23
N LYS A 525 -22.28 7.44 8.53
CA LYS A 525 -22.89 8.57 9.23
C LYS A 525 -22.19 9.90 8.96
N ASN A 526 -21.11 9.90 8.18
CA ASN A 526 -20.42 11.14 7.86
C ASN A 526 -21.32 12.06 7.04
N LYS A 527 -21.28 13.34 7.37
CA LYS A 527 -22.04 14.36 6.65
C LYS A 527 -21.17 15.34 5.89
N SER A 528 -19.87 15.38 6.17
CA SER A 528 -18.98 16.33 5.52
C SER A 528 -18.57 15.86 4.14
N MET A 529 -18.28 16.82 3.27
CA MET A 529 -17.69 16.53 1.97
C MET A 529 -16.17 16.40 2.02
N MET A 530 -15.54 17.11 2.95
CA MET A 530 -14.09 17.02 3.11
C MET A 530 -13.65 15.65 3.62
N MET A 531 -14.54 14.92 4.29
CA MET A 531 -14.24 13.59 4.79
C MET A 531 -14.84 12.49 3.91
N MET A 532 -15.33 12.85 2.72
CA MET A 532 -15.88 11.84 1.81
C MET A 532 -14.76 10.95 1.30
N GLY A 533 -14.96 9.64 1.38
CA GLY A 533 -13.91 8.70 1.05
C GLY A 533 -12.80 8.63 2.06
N ARG A 534 -12.98 9.23 3.24
CA ARG A 534 -11.98 9.28 4.30
C ARG A 534 -12.58 8.76 5.59
N TRP A 535 -11.77 8.04 6.37
CA TRP A 535 -12.22 7.60 7.69
C TRP A 535 -11.00 7.33 8.56
N GLU A 536 -11.25 7.27 9.87
CA GLU A 536 -10.25 6.80 10.81
C GLU A 536 -10.95 6.09 11.96
N VAL A 537 -10.37 4.95 12.37
CA VAL A 537 -10.88 4.15 13.48
C VAL A 537 -9.70 3.71 14.33
N TYR A 538 -9.97 3.42 15.59
CA TYR A 538 -8.98 2.92 16.53
C TYR A 538 -9.39 1.55 17.04
N MET A 539 -8.45 0.61 17.05
CA MET A 539 -8.67 -0.73 17.58
C MET A 539 -7.80 -0.93 18.81
N ILE A 540 -8.41 -1.42 19.90
CA ILE A 540 -7.65 -1.80 21.09
C ILE A 540 -6.83 -3.03 20.74
N THR A 541 -5.51 -2.88 20.68
CA THR A 541 -4.61 -3.99 20.39
C THR A 541 -3.77 -4.39 21.60
N GLY A 542 -3.96 -3.73 22.73
CA GLY A 542 -3.23 -4.08 23.93
C GLY A 542 -3.91 -3.54 25.17
N ILE A 543 -3.92 -4.32 26.25
CA ILE A 543 -4.42 -3.87 27.53
C ILE A 543 -3.41 -4.28 28.61
N ILE A 544 -3.29 -3.41 29.61
CA ILE A 544 -2.43 -3.67 30.77
C ILE A 544 -3.32 -3.65 32.00
N VAL A 545 -3.46 -4.80 32.64
CA VAL A 545 -4.40 -4.98 33.75
C VAL A 545 -3.62 -4.88 35.06
N ALA A 546 -4.18 -4.11 36.00
CA ALA A 546 -3.62 -4.00 37.34
C ALA A 546 -4.25 -5.07 38.22
N ARG A 547 -3.41 -5.91 38.81
CA ARG A 547 -3.85 -7.04 39.61
C ARG A 547 -3.51 -6.80 41.07
N GLY A 548 -4.51 -6.91 41.94
CA GLY A 548 -4.31 -6.74 43.36
C GLY A 548 -4.72 -7.95 44.16
N GLY A 549 -5.86 -7.86 44.84
CA GLY A 549 -6.37 -8.97 45.63
C GLY A 549 -6.98 -8.53 46.95
N LYS A 588 -9.64 11.91 48.93
CA LYS A 588 -10.38 10.88 48.21
C LYS A 588 -10.76 9.72 49.12
N THR A 589 -11.94 9.13 48.85
CA THR A 589 -12.43 7.97 49.56
C THR A 589 -12.89 6.94 48.56
N TRP A 590 -12.27 5.76 48.57
CA TRP A 590 -12.58 4.69 47.64
C TRP A 590 -12.99 3.45 48.42
N GLY A 591 -13.68 2.54 47.71
CA GLY A 591 -14.18 1.33 48.33
C GLY A 591 -13.62 0.06 47.73
N THR A 592 -14.37 -1.04 47.86
CA THR A 592 -13.88 -2.34 47.40
C THR A 592 -13.83 -2.41 45.88
N SER A 593 -14.66 -1.64 45.18
CA SER A 593 -14.65 -1.67 43.73
C SER A 593 -13.33 -1.16 43.17
N GLN A 594 -12.79 -0.10 43.77
CA GLN A 594 -11.51 0.44 43.32
C GLN A 594 -10.33 -0.46 43.68
N THR A 595 -10.50 -1.38 44.63
CA THR A 595 -9.45 -2.32 44.95
C THR A 595 -9.44 -3.53 44.03
N GLY A 596 -10.51 -3.71 43.24
CA GLY A 596 -10.55 -4.81 42.30
C GLY A 596 -9.73 -4.55 41.05
N ASP A 597 -9.48 -5.62 40.30
CA ASP A 597 -8.69 -5.53 39.08
C ASP A 597 -9.36 -4.63 38.06
N PHE A 598 -8.54 -3.97 37.25
CA PHE A 598 -9.07 -3.06 36.24
C PHE A 598 -8.05 -2.91 35.13
N VAL A 599 -8.53 -2.46 33.97
CA VAL A 599 -7.68 -2.15 32.83
C VAL A 599 -7.07 -0.77 33.07
N TRP A 600 -5.77 -0.71 33.28
CA TRP A 600 -5.10 0.56 33.58
C TRP A 600 -4.62 1.28 32.34
N ALA A 601 -4.14 0.55 31.34
CA ALA A 601 -3.60 1.15 30.12
C ALA A 601 -4.07 0.36 28.91
N VAL A 602 -4.11 1.04 27.76
CA VAL A 602 -4.51 0.43 26.50
C VAL A 602 -3.54 0.85 25.41
N ARG A 603 -3.36 -0.03 24.43
CA ARG A 603 -2.60 0.25 23.22
C ARG A 603 -3.57 0.27 22.04
N LEU A 604 -3.40 1.24 21.15
CA LEU A 604 -4.32 1.45 20.06
C LEU A 604 -3.62 1.35 18.72
N ALA A 605 -4.33 0.83 17.74
CA ALA A 605 -3.93 0.85 16.33
C ALA A 605 -4.88 1.77 15.58
N LYS A 606 -4.33 2.76 14.90
CA LYS A 606 -5.13 3.70 14.12
C LYS A 606 -5.27 3.20 12.69
N ILE A 607 -6.51 2.98 12.25
CA ILE A 607 -6.82 2.46 10.93
C ILE A 607 -7.45 3.60 10.13
N THR A 608 -6.77 4.02 9.06
CA THR A 608 -7.17 5.21 8.31
C THR A 608 -7.18 4.92 6.82
N LYS A 609 -8.18 5.46 6.13
CA LYS A 609 -8.19 5.54 4.68
C LYS A 609 -8.21 7.01 4.29
N SER A 610 -7.20 7.43 3.54
CA SER A 610 -7.01 8.85 3.22
C SER A 610 -7.77 9.30 1.98
N GLY A 611 -8.23 8.38 1.15
CA GLY A 611 -8.95 8.76 -0.05
C GLY A 611 -9.43 7.53 -0.80
N LEU A 612 -10.07 7.80 -1.95
CA LEU A 612 -10.58 6.70 -2.77
C LEU A 612 -9.45 5.84 -3.32
N HIS A 613 -8.39 6.47 -3.81
CA HIS A 613 -7.30 5.77 -4.49
C HIS A 613 -6.21 5.31 -3.52
N SER A 614 -6.47 5.34 -2.22
CA SER A 614 -5.49 4.93 -1.22
C SER A 614 -6.08 3.80 -0.39
N ASP A 615 -5.44 2.64 -0.42
CA ASP A 615 -5.82 1.55 0.46
C ASP A 615 -5.60 1.96 1.91
N TRP A 616 -6.43 1.42 2.80
CA TRP A 616 -6.35 1.82 4.20
C TRP A 616 -5.01 1.39 4.80
N LYS A 617 -4.57 2.15 5.80
CA LYS A 617 -3.33 1.88 6.51
C LYS A 617 -3.62 1.72 7.99
N MET A 618 -2.73 1.04 8.68
CA MET A 618 -2.83 0.88 10.13
C MET A 618 -1.46 1.02 10.76
N GLU A 619 -1.43 1.63 11.94
CA GLU A 619 -0.19 1.83 12.67
C GLU A 619 -0.52 1.97 14.14
N THR A 620 0.42 1.55 14.98
CA THR A 620 0.25 1.71 16.42
C THR A 620 0.39 3.18 16.78
N VAL A 621 -0.56 3.69 17.58
CA VAL A 621 -0.55 5.09 17.98
C VAL A 621 0.59 5.29 18.99
N PHE A 622 1.61 6.03 18.58
CA PHE A 622 2.75 6.34 19.44
C PHE A 622 2.71 7.79 19.89
N GLY A 623 3.36 8.05 21.02
CA GLY A 623 3.54 9.41 21.50
C GLY A 623 2.29 10.06 22.04
N LYS A 624 1.29 10.26 21.18
CA LYS A 624 0.07 10.96 21.59
C LYS A 624 -1.03 10.65 20.58
N THR A 625 -2.27 10.87 21.03
CA THR A 625 -3.43 10.78 20.16
C THR A 625 -3.73 12.16 19.57
N SER A 626 -4.32 12.15 18.38
CA SER A 626 -4.60 13.39 17.64
C SER A 626 -6.09 13.69 17.74
N SER A 627 -6.45 14.52 18.72
CA SER A 627 -7.83 14.94 18.94
C SER A 627 -7.83 16.04 20.00
N PHE A 628 -9.01 16.62 20.21
CA PHE A 628 -9.21 17.48 21.36
C PHE A 628 -8.96 16.69 22.64
N ARG A 629 -8.25 17.30 23.58
CA ARG A 629 -7.75 16.62 24.77
C ARG A 629 -7.06 15.32 24.40
N GLY A 630 -6.21 15.40 23.37
CA GLY A 630 -5.45 14.25 22.94
C GLY A 630 -4.54 13.76 24.04
N GLN A 631 -4.82 12.59 24.59
CA GLN A 631 -4.02 12.06 25.67
C GLN A 631 -2.59 11.80 25.20
N LYS A 632 -1.66 11.88 26.14
CA LYS A 632 -0.26 11.58 25.88
C LYS A 632 0.04 10.15 26.33
N ALA A 633 0.90 9.47 25.58
CA ALA A 633 1.30 8.11 25.93
C ALA A 633 2.24 8.16 27.13
N ILE A 634 1.83 7.49 28.22
CA ILE A 634 2.61 7.53 29.45
C ILE A 634 3.87 6.68 29.31
N PHE A 635 3.77 5.56 28.59
CA PHE A 635 4.92 4.66 28.42
C PHE A 635 4.71 3.75 27.21
N MET B 5 -23.03 22.54 -34.41
CA MET B 5 -21.90 23.46 -34.30
C MET B 5 -20.57 22.72 -34.43
N LYS B 6 -19.76 23.14 -35.40
CA LYS B 6 -18.43 22.58 -35.58
C LYS B 6 -17.46 23.19 -34.58
N ILE B 7 -16.46 22.40 -34.19
CA ILE B 7 -15.39 22.90 -33.34
C ILE B 7 -14.42 23.68 -34.23
N GLU B 8 -14.58 25.00 -34.26
CA GLU B 8 -13.65 25.89 -34.92
C GLU B 8 -12.94 26.75 -33.87
N GLU B 9 -11.80 27.31 -34.27
CA GLU B 9 -11.06 28.19 -33.37
C GLU B 9 -11.86 29.44 -33.07
N GLY B 10 -11.76 29.92 -31.84
CA GLY B 10 -12.45 31.12 -31.42
C GLY B 10 -13.84 30.92 -30.87
N LYS B 11 -14.28 29.67 -30.70
CA LYS B 11 -15.59 29.38 -30.14
C LYS B 11 -15.48 28.16 -29.25
N LEU B 12 -16.52 27.96 -28.43
CA LEU B 12 -16.60 26.80 -27.54
C LEU B 12 -17.94 26.12 -27.71
N VAL B 13 -17.91 24.82 -27.97
CA VAL B 13 -19.11 23.99 -28.06
C VAL B 13 -19.13 23.06 -26.85
N ILE B 14 -20.23 23.07 -26.12
CA ILE B 14 -20.37 22.32 -24.88
C ILE B 14 -21.53 21.36 -25.02
N TRP B 15 -21.31 20.10 -24.62
CA TRP B 15 -22.35 19.09 -24.56
C TRP B 15 -22.65 18.78 -23.10
N ILE B 16 -23.95 18.76 -22.76
CA ILE B 16 -24.39 18.41 -21.41
C ILE B 16 -25.76 17.75 -21.54
N ASN B 17 -26.04 16.81 -20.65
CA ASN B 17 -27.26 16.02 -20.78
C ASN B 17 -28.50 16.89 -20.57
N GLY B 18 -29.59 16.50 -21.25
CA GLY B 18 -30.82 17.28 -21.30
C GLY B 18 -31.52 17.44 -19.96
N ASP B 19 -31.20 16.62 -18.96
CA ASP B 19 -31.81 16.76 -17.64
C ASP B 19 -31.09 17.74 -16.73
N LYS B 20 -29.94 18.26 -17.15
CA LYS B 20 -29.20 19.24 -16.38
C LYS B 20 -29.68 20.65 -16.73
N GLY B 21 -29.10 21.65 -16.08
CA GLY B 21 -29.44 23.03 -16.35
C GLY B 21 -28.61 23.65 -17.46
N TYR B 22 -28.88 23.25 -18.70
CA TYR B 22 -28.09 23.76 -19.81
C TYR B 22 -28.36 25.23 -20.11
N ASN B 23 -29.52 25.75 -19.71
CA ASN B 23 -29.78 27.18 -19.88
C ASN B 23 -28.93 28.01 -18.92
N GLY B 24 -28.78 27.54 -17.68
CA GLY B 24 -27.90 28.23 -16.75
C GLY B 24 -26.46 28.22 -17.20
N LEU B 25 -26.00 27.08 -17.73
CA LEU B 25 -24.66 27.02 -18.30
C LEU B 25 -24.53 27.96 -19.49
N ALA B 26 -25.61 28.15 -20.25
CA ALA B 26 -25.56 29.06 -21.39
C ALA B 26 -25.43 30.51 -20.94
N GLU B 27 -26.06 30.85 -19.81
CA GLU B 27 -25.89 32.19 -19.26
C GLU B 27 -24.45 32.44 -18.82
N VAL B 28 -23.82 31.42 -18.24
CA VAL B 28 -22.40 31.52 -17.93
C VAL B 28 -21.59 31.70 -19.21
N GLY B 29 -21.97 30.99 -20.27
CA GLY B 29 -21.30 31.17 -21.54
C GLY B 29 -21.49 32.56 -22.12
N LYS B 30 -22.63 33.19 -21.84
CA LYS B 30 -22.86 34.55 -22.30
C LYS B 30 -21.96 35.55 -21.57
N LYS B 31 -21.75 35.33 -20.26
CA LYS B 31 -20.79 36.16 -19.54
C LYS B 31 -19.38 35.96 -20.05
N PHE B 32 -19.04 34.72 -20.41
CA PHE B 32 -17.74 34.44 -21.01
C PHE B 32 -17.59 35.16 -22.35
N GLU B 33 -18.66 35.19 -23.14
CA GLU B 33 -18.61 35.86 -24.43
C GLU B 33 -18.51 37.37 -24.27
N LYS B 34 -19.20 37.92 -23.27
CA LYS B 34 -19.16 39.36 -23.05
C LYS B 34 -17.75 39.83 -22.71
N ASP B 35 -17.08 39.11 -21.81
CA ASP B 35 -15.75 39.51 -21.38
C ASP B 35 -14.68 39.24 -22.42
N THR B 36 -14.85 38.19 -23.25
CA THR B 36 -13.79 37.74 -24.14
C THR B 36 -14.14 37.79 -25.62
N GLY B 37 -15.42 37.93 -25.98
CA GLY B 37 -15.82 37.86 -27.37
C GLY B 37 -15.86 36.46 -27.95
N ILE B 38 -15.62 35.44 -27.15
CA ILE B 38 -15.62 34.06 -27.61
C ILE B 38 -17.03 33.48 -27.41
N LYS B 39 -17.66 33.10 -28.52
CA LYS B 39 -19.01 32.55 -28.44
C LYS B 39 -18.97 31.17 -27.79
N VAL B 40 -19.99 30.89 -26.98
CA VAL B 40 -20.12 29.62 -26.26
C VAL B 40 -21.48 29.03 -26.60
N THR B 41 -21.48 27.91 -27.31
CA THR B 41 -22.70 27.24 -27.73
C THR B 41 -22.89 25.98 -26.88
N VAL B 42 -24.04 25.89 -26.21
CA VAL B 42 -24.37 24.75 -25.36
C VAL B 42 -25.42 23.90 -26.06
N GLU B 43 -25.17 22.61 -26.14
CA GLU B 43 -26.07 21.66 -26.79
C GLU B 43 -26.32 20.48 -25.88
N HIS B 44 -27.51 19.90 -26.00
CA HIS B 44 -27.91 18.72 -25.22
C HIS B 44 -28.36 17.61 -26.16
N PRO B 45 -27.44 17.04 -26.94
CA PRO B 45 -27.84 16.00 -27.90
C PRO B 45 -28.23 14.71 -27.20
N ASP B 46 -29.12 13.97 -27.86
CA ASP B 46 -29.55 12.69 -27.32
C ASP B 46 -28.41 11.69 -27.31
N LYS B 47 -28.25 10.97 -26.20
CA LYS B 47 -27.25 9.92 -26.06
C LYS B 47 -25.84 10.44 -26.34
N LEU B 48 -25.51 11.58 -25.72
CA LEU B 48 -24.22 12.19 -25.97
C LEU B 48 -23.07 11.38 -25.40
N GLU B 49 -23.33 10.59 -24.35
CA GLU B 49 -22.29 9.75 -23.78
C GLU B 49 -21.83 8.67 -24.77
N GLU B 50 -22.72 8.29 -25.70
CA GLU B 50 -22.37 7.33 -26.74
C GLU B 50 -21.88 8.01 -28.01
N LYS B 51 -22.39 9.21 -28.32
CA LYS B 51 -21.99 9.91 -29.53
C LYS B 51 -20.60 10.50 -29.43
N PHE B 52 -20.19 10.93 -28.23
CA PHE B 52 -18.90 11.61 -28.08
C PHE B 52 -17.71 10.77 -28.50
N PRO B 53 -17.54 9.52 -28.05
CA PRO B 53 -16.33 8.76 -28.45
C PRO B 53 -16.22 8.54 -29.95
N GLN B 54 -17.30 8.71 -30.70
CA GLN B 54 -17.27 8.56 -32.15
C GLN B 54 -16.90 9.88 -32.84
N VAL B 55 -17.60 10.97 -32.49
CA VAL B 55 -17.35 12.24 -33.16
C VAL B 55 -16.00 12.83 -32.72
N ALA B 56 -15.59 12.59 -31.47
CA ALA B 56 -14.28 13.05 -31.03
C ALA B 56 -13.16 12.30 -31.73
N ALA B 57 -13.39 11.02 -32.05
CA ALA B 57 -12.40 10.26 -32.82
C ALA B 57 -12.29 10.81 -34.23
N THR B 58 -13.42 11.12 -34.87
CA THR B 58 -13.38 11.70 -36.21
C THR B 58 -12.82 13.12 -36.17
N GLY B 59 -13.02 13.84 -35.08
CA GLY B 59 -12.48 15.17 -34.90
C GLY B 59 -13.46 16.32 -35.00
N ASP B 60 -14.75 16.09 -34.75
CA ASP B 60 -15.74 17.16 -34.79
C ASP B 60 -16.67 17.11 -33.58
N GLY B 61 -16.19 16.56 -32.47
CA GLY B 61 -16.94 16.56 -31.23
C GLY B 61 -16.94 17.92 -30.59
N PRO B 62 -17.46 18.03 -29.37
CA PRO B 62 -17.48 19.32 -28.68
C PRO B 62 -16.16 19.60 -27.98
N ASP B 63 -15.93 20.89 -27.73
CA ASP B 63 -14.75 21.29 -26.97
C ASP B 63 -14.81 20.77 -25.53
N ILE B 64 -15.98 20.87 -24.90
CA ILE B 64 -16.19 20.43 -23.53
C ILE B 64 -17.38 19.50 -23.50
N ILE B 65 -17.27 18.42 -22.74
CA ILE B 65 -18.34 17.45 -22.58
C ILE B 65 -18.61 17.24 -21.09
N PHE B 66 -19.87 17.39 -20.70
CA PHE B 66 -20.30 17.17 -19.32
C PHE B 66 -20.97 15.80 -19.20
N TRP B 67 -20.60 15.05 -18.17
CA TRP B 67 -21.21 13.76 -17.87
C TRP B 67 -20.71 13.31 -16.51
N ALA B 68 -21.37 12.29 -15.97
CA ALA B 68 -20.87 11.65 -14.77
C ALA B 68 -19.50 11.03 -15.05
N HIS B 69 -18.68 10.93 -14.00
CA HIS B 69 -17.28 10.59 -14.16
C HIS B 69 -17.05 9.16 -14.67
N ASP B 70 -18.06 8.29 -14.58
CA ASP B 70 -17.83 6.88 -14.87
C ASP B 70 -17.45 6.64 -16.33
N ARG B 71 -17.89 7.50 -17.24
CA ARG B 71 -17.57 7.34 -18.65
C ARG B 71 -16.21 7.90 -19.02
N PHE B 72 -15.65 8.81 -18.22
CA PHE B 72 -14.47 9.55 -18.65
C PHE B 72 -13.22 8.67 -18.73
N GLY B 73 -13.16 7.62 -17.93
CA GLY B 73 -12.02 6.72 -18.01
C GLY B 73 -11.95 5.98 -19.34
N GLY B 74 -13.10 5.60 -19.88
CA GLY B 74 -13.12 5.00 -21.20
C GLY B 74 -12.64 5.95 -22.28
N TYR B 75 -13.06 7.21 -22.21
CA TYR B 75 -12.55 8.22 -23.14
C TYR B 75 -11.06 8.41 -22.96
N ALA B 76 -10.58 8.36 -21.71
CA ALA B 76 -9.17 8.60 -21.44
C ALA B 76 -8.30 7.48 -22.01
N GLN B 77 -8.75 6.24 -21.89
CA GLN B 77 -7.97 5.13 -22.44
C GLN B 77 -7.82 5.25 -23.95
N SER B 78 -8.80 5.85 -24.62
CA SER B 78 -8.72 6.15 -26.04
C SER B 78 -8.06 7.49 -26.32
N GLY B 79 -7.53 8.15 -25.29
CA GLY B 79 -6.86 9.42 -25.47
C GLY B 79 -7.74 10.54 -25.97
N LEU B 80 -9.07 10.41 -25.83
CA LEU B 80 -10.00 11.41 -26.33
C LEU B 80 -10.13 12.61 -25.40
N LEU B 81 -9.58 12.56 -24.19
CA LEU B 81 -9.68 13.63 -23.22
C LEU B 81 -8.32 14.27 -23.02
N ALA B 82 -8.27 15.60 -23.05
CA ALA B 82 -7.04 16.30 -22.73
C ALA B 82 -6.80 16.28 -21.23
N GLU B 83 -5.55 16.09 -20.84
CA GLU B 83 -5.19 16.14 -19.44
C GLU B 83 -5.26 17.58 -18.94
N ILE B 84 -6.02 17.82 -17.89
CA ILE B 84 -6.16 19.15 -17.33
C ILE B 84 -5.03 19.39 -16.33
N THR B 85 -4.58 20.65 -16.25
CA THR B 85 -3.46 21.03 -15.40
C THR B 85 -3.85 22.25 -14.56
N PRO B 86 -4.73 22.08 -13.59
CA PRO B 86 -5.08 23.22 -12.72
C PRO B 86 -3.96 23.53 -11.74
N ALA B 87 -3.82 24.82 -11.44
CA ALA B 87 -2.83 25.23 -10.46
C ALA B 87 -3.18 24.70 -9.08
N ALA B 88 -2.17 24.64 -8.21
CA ALA B 88 -2.39 24.12 -6.86
C ALA B 88 -3.44 24.93 -6.12
N ALA B 89 -3.46 26.25 -6.33
CA ALA B 89 -4.46 27.08 -5.67
C ALA B 89 -5.86 26.74 -6.13
N PHE B 90 -6.02 26.40 -7.41
CA PHE B 90 -7.35 26.05 -7.90
C PHE B 90 -7.77 24.67 -7.42
N GLN B 91 -6.84 23.71 -7.39
CA GLN B 91 -7.16 22.40 -6.84
C GLN B 91 -7.62 22.50 -5.40
N ASP B 92 -7.01 23.43 -4.63
CA ASP B 92 -7.42 23.63 -3.24
C ASP B 92 -8.83 24.20 -3.13
N LYS B 93 -9.37 24.78 -4.21
CA LYS B 93 -10.72 25.31 -4.18
C LYS B 93 -11.79 24.22 -4.24
N LEU B 94 -11.45 23.03 -4.74
CA LEU B 94 -12.41 21.94 -4.85
C LEU B 94 -12.08 20.83 -3.86
N TYR B 95 -13.10 20.04 -3.54
CA TYR B 95 -12.92 18.97 -2.57
C TYR B 95 -12.04 17.86 -3.15
N PRO B 96 -11.15 17.27 -2.34
CA PRO B 96 -10.25 16.22 -2.86
C PRO B 96 -10.99 14.98 -3.35
N PHE B 97 -12.13 14.65 -2.74
CA PHE B 97 -12.91 13.51 -3.19
C PHE B 97 -13.37 13.69 -4.63
N THR B 98 -13.75 14.91 -5.01
CA THR B 98 -14.22 15.15 -6.37
C THR B 98 -13.07 15.10 -7.37
N TRP B 99 -11.87 15.54 -6.97
CA TRP B 99 -10.70 15.39 -7.84
C TRP B 99 -10.37 13.92 -8.05
N ASP B 100 -10.52 13.10 -7.01
CA ASP B 100 -10.22 11.68 -7.13
C ASP B 100 -11.16 10.99 -8.09
N ALA B 101 -12.42 11.44 -8.18
CA ALA B 101 -13.38 10.81 -9.07
C ALA B 101 -13.08 11.08 -10.54
N VAL B 102 -12.25 12.08 -10.84
CA VAL B 102 -11.93 12.42 -12.22
C VAL B 102 -10.46 12.14 -12.50
N ARG B 103 -9.87 11.21 -11.75
CA ARG B 103 -8.46 10.83 -11.90
C ARG B 103 -8.38 9.49 -12.59
N TYR B 104 -7.52 9.38 -13.60
CA TYR B 104 -7.33 8.15 -14.35
C TYR B 104 -5.86 7.93 -14.59
N ASN B 105 -5.34 6.80 -14.11
CA ASN B 105 -3.91 6.48 -14.18
C ASN B 105 -3.07 7.58 -13.54
N GLY B 106 -3.58 8.13 -12.44
CA GLY B 106 -2.88 9.15 -11.68
C GLY B 106 -2.99 10.56 -12.22
N LYS B 107 -3.56 10.75 -13.41
CA LYS B 107 -3.64 12.05 -14.05
C LYS B 107 -5.09 12.52 -14.12
N LEU B 108 -5.29 13.83 -13.93
CA LEU B 108 -6.63 14.40 -13.99
C LEU B 108 -7.08 14.54 -15.44
N ILE B 109 -8.35 14.20 -15.69
CA ILE B 109 -8.86 14.15 -17.05
C ILE B 109 -10.18 14.92 -17.17
N ALA B 110 -10.58 15.60 -16.10
CA ALA B 110 -11.83 16.35 -16.11
C ALA B 110 -11.87 17.28 -14.91
N TYR B 111 -12.72 18.30 -15.01
CA TYR B 111 -12.97 19.20 -13.90
C TYR B 111 -14.22 18.74 -13.17
N PRO B 112 -14.14 18.40 -11.88
CA PRO B 112 -15.35 18.00 -11.16
C PRO B 112 -16.25 19.19 -10.90
N ILE B 113 -17.56 18.96 -11.01
CA ILE B 113 -18.56 20.02 -10.87
C ILE B 113 -19.40 19.80 -9.62
N ALA B 114 -20.03 18.62 -9.49
CA ALA B 114 -20.94 18.38 -8.38
C ALA B 114 -21.05 16.88 -8.13
N VAL B 115 -21.39 16.54 -6.89
CA VAL B 115 -21.62 15.17 -6.47
C VAL B 115 -23.13 14.93 -6.44
N GLU B 116 -23.59 13.94 -7.19
CA GLU B 116 -25.01 13.66 -7.32
C GLU B 116 -25.29 12.21 -6.93
N ALA B 117 -26.40 12.00 -6.23
CA ALA B 117 -26.81 10.67 -5.81
C ALA B 117 -28.34 10.63 -5.77
N LEU B 118 -28.89 9.44 -5.96
CA LEU B 118 -30.33 9.27 -5.96
C LEU B 118 -30.89 9.36 -4.54
N SER B 119 -32.13 9.81 -4.43
CA SER B 119 -32.82 9.91 -3.16
C SER B 119 -34.29 9.57 -3.37
N LEU B 120 -34.99 9.36 -2.25
CA LEU B 120 -36.42 9.10 -2.28
C LEU B 120 -37.17 10.42 -2.19
N ILE B 121 -37.90 10.76 -3.25
CA ILE B 121 -38.71 11.97 -3.29
C ILE B 121 -40.16 11.57 -3.05
N TYR B 122 -40.74 12.05 -1.96
CA TYR B 122 -42.08 11.68 -1.56
C TYR B 122 -42.98 12.91 -1.49
N ASN B 123 -44.28 12.66 -1.60
CA ASN B 123 -45.29 13.70 -1.52
C ASN B 123 -45.76 13.82 -0.07
N LYS B 124 -45.47 14.96 0.56
CA LYS B 124 -45.80 15.13 1.97
C LYS B 124 -47.30 15.10 2.21
N ASP B 125 -48.10 15.58 1.25
CA ASP B 125 -49.55 15.55 1.41
C ASP B 125 -50.08 14.12 1.37
N LEU B 126 -49.56 13.30 0.45
CA LEU B 126 -49.97 11.90 0.37
C LEU B 126 -49.30 11.06 1.45
N LEU B 127 -47.99 11.25 1.65
CA LEU B 127 -47.20 10.49 2.61
C LEU B 127 -46.61 11.44 3.65
N PRO B 128 -47.29 11.66 4.78
CA PRO B 128 -46.67 12.45 5.86
C PRO B 128 -45.41 11.79 6.39
N ASN B 129 -45.41 10.47 6.52
CA ASN B 129 -44.23 9.71 6.92
C ASN B 129 -43.94 8.67 5.84
N PRO B 130 -42.93 8.88 5.00
CA PRO B 130 -42.65 7.92 3.93
C PRO B 130 -42.14 6.60 4.49
N PRO B 131 -42.25 5.52 3.73
CA PRO B 131 -41.81 4.21 4.25
C PRO B 131 -40.30 4.11 4.36
N LYS B 132 -39.86 3.33 5.35
CA LYS B 132 -38.44 3.13 5.59
C LYS B 132 -37.89 1.88 4.88
N THR B 133 -38.75 0.95 4.49
CA THR B 133 -38.32 -0.29 3.87
C THR B 133 -38.99 -0.48 2.52
N TRP B 134 -38.29 -1.18 1.63
CA TRP B 134 -38.91 -1.57 0.35
C TRP B 134 -40.05 -2.54 0.56
N GLU B 135 -40.00 -3.35 1.63
CA GLU B 135 -40.95 -4.44 1.79
C GLU B 135 -42.36 -3.93 2.06
N GLU B 136 -42.50 -2.73 2.63
CA GLU B 136 -43.82 -2.19 2.93
C GLU B 136 -44.42 -1.39 1.77
N ILE B 137 -43.73 -1.33 0.63
CA ILE B 137 -44.29 -0.65 -0.54
C ILE B 137 -45.58 -1.29 -1.02
N PRO B 138 -45.69 -2.63 -1.14
CA PRO B 138 -46.95 -3.20 -1.65
C PRO B 138 -48.19 -2.81 -0.84
N ALA B 139 -48.11 -2.88 0.50
CA ALA B 139 -49.26 -2.51 1.31
C ALA B 139 -49.62 -1.04 1.13
N LEU B 140 -48.60 -0.17 1.07
CA LEU B 140 -48.85 1.25 0.86
C LEU B 140 -49.46 1.50 -0.52
N ASP B 141 -49.02 0.75 -1.53
CA ASP B 141 -49.57 0.92 -2.87
C ASP B 141 -51.02 0.46 -2.93
N LYS B 142 -51.37 -0.56 -2.15
CA LYS B 142 -52.76 -1.01 -2.10
C LYS B 142 -53.66 0.07 -1.50
N GLU B 143 -53.18 0.76 -0.46
CA GLU B 143 -53.96 1.84 0.13
C GLU B 143 -54.14 2.99 -0.84
N LEU B 144 -53.09 3.32 -1.61
CA LEU B 144 -53.16 4.45 -2.52
C LEU B 144 -53.94 4.12 -3.80
N LYS B 145 -53.91 2.85 -4.23
CA LYS B 145 -54.81 2.44 -5.30
C LYS B 145 -56.27 2.54 -4.86
N ALA B 146 -56.54 2.32 -3.58
CA ALA B 146 -57.88 2.54 -3.04
C ALA B 146 -58.27 4.01 -3.07
N LYS B 147 -57.30 4.92 -3.05
CA LYS B 147 -57.56 6.35 -3.22
C LYS B 147 -57.40 6.81 -4.65
N GLY B 148 -57.17 5.89 -5.59
CA GLY B 148 -57.04 6.22 -6.98
C GLY B 148 -55.64 6.63 -7.42
N LYS B 149 -54.63 6.44 -6.58
CA LYS B 149 -53.27 6.83 -6.92
C LYS B 149 -52.32 5.65 -6.77
N SER B 150 -51.01 5.90 -6.84
CA SER B 150 -50.01 4.85 -6.70
C SER B 150 -48.98 5.27 -5.67
N ALA B 151 -48.16 4.32 -5.24
CA ALA B 151 -47.18 4.56 -4.20
C ALA B 151 -45.84 5.02 -4.76
N LEU B 152 -45.28 4.26 -5.69
CA LEU B 152 -43.92 4.51 -6.17
C LEU B 152 -43.86 4.31 -7.68
N MET B 153 -43.33 5.31 -8.38
CA MET B 153 -43.07 5.21 -9.81
C MET B 153 -41.71 5.86 -10.08
N PHE B 154 -40.85 5.16 -10.80
CA PHE B 154 -39.56 5.71 -11.18
C PHE B 154 -39.08 5.03 -12.46
N ASN B 155 -38.07 5.64 -13.08
CA ASN B 155 -37.55 5.20 -14.37
C ASN B 155 -37.04 3.76 -14.29
N LEU B 156 -37.74 2.84 -14.95
CA LEU B 156 -37.35 1.44 -15.02
C LEU B 156 -36.63 1.10 -16.33
N GLN B 157 -36.27 2.10 -17.12
CA GLN B 157 -35.60 1.89 -18.40
C GLN B 157 -34.10 2.12 -18.33
N GLU B 158 -33.61 2.77 -17.27
CA GLU B 158 -32.19 2.96 -17.06
C GLU B 158 -31.76 2.27 -15.77
N PRO B 159 -30.72 1.43 -15.81
CA PRO B 159 -30.33 0.68 -14.61
C PRO B 159 -29.84 1.55 -13.47
N TYR B 160 -29.52 2.82 -13.74
CA TYR B 160 -29.09 3.72 -12.67
C TYR B 160 -30.13 3.85 -11.58
N PHE B 161 -31.41 3.82 -11.94
CA PHE B 161 -32.49 4.03 -10.98
C PHE B 161 -32.89 2.76 -10.25
N THR B 162 -32.56 1.58 -10.78
CA THR B 162 -32.88 0.33 -10.11
C THR B 162 -31.67 -0.32 -9.44
N TRP B 163 -30.47 0.19 -9.70
CA TRP B 163 -29.29 -0.37 -9.05
C TRP B 163 -29.26 -0.23 -7.53
N PRO B 164 -29.80 0.84 -6.91
CA PRO B 164 -29.82 0.88 -5.44
C PRO B 164 -30.48 -0.34 -4.80
N LEU B 165 -31.58 -0.82 -5.37
CA LEU B 165 -32.23 -2.02 -4.84
C LEU B 165 -31.43 -3.27 -5.16
N ILE B 166 -30.80 -3.31 -6.33
CA ILE B 166 -30.03 -4.49 -6.73
C ILE B 166 -28.81 -4.65 -5.83
N ALA B 167 -28.08 -3.55 -5.59
CA ALA B 167 -26.86 -3.61 -4.81
C ALA B 167 -27.10 -3.65 -3.31
N ALA B 168 -28.35 -3.47 -2.87
CA ALA B 168 -28.63 -3.32 -1.44
C ALA B 168 -28.17 -4.54 -0.65
N ASP B 169 -28.46 -5.74 -1.15
CA ASP B 169 -28.20 -6.97 -0.42
C ASP B 169 -26.97 -7.73 -0.92
N GLY B 170 -26.14 -7.11 -1.75
CA GLY B 170 -24.92 -7.76 -2.14
C GLY B 170 -24.48 -7.62 -3.58
N GLY B 171 -25.38 -7.16 -4.45
CA GLY B 171 -25.00 -6.96 -5.84
C GLY B 171 -23.93 -5.90 -5.97
N TYR B 172 -23.00 -6.12 -6.90
CA TYR B 172 -21.94 -5.16 -7.14
C TYR B 172 -21.50 -5.24 -8.59
N ALA B 173 -20.82 -4.19 -9.04
CA ALA B 173 -20.36 -4.10 -10.43
C ALA B 173 -19.00 -4.78 -10.60
N PHE B 174 -17.96 -4.18 -10.03
CA PHE B 174 -16.61 -4.72 -10.09
C PHE B 174 -16.00 -4.69 -8.70
N LYS B 175 -15.42 -5.81 -8.29
CA LYS B 175 -14.82 -5.91 -6.97
C LYS B 175 -13.51 -5.14 -6.92
N TYR B 176 -13.28 -4.43 -5.82
CA TYR B 176 -12.06 -3.67 -5.62
C TYR B 176 -11.10 -4.48 -4.76
N ALA B 177 -9.95 -4.86 -5.33
CA ALA B 177 -8.94 -5.61 -4.63
C ALA B 177 -7.58 -5.30 -5.23
N ALA B 178 -6.54 -5.44 -4.42
CA ALA B 178 -5.16 -5.13 -4.83
C ALA B 178 -5.03 -3.70 -5.35
N GLY B 179 -5.82 -2.78 -4.80
CA GLY B 179 -5.78 -1.40 -5.22
C GLY B 179 -6.31 -1.14 -6.62
N LYS B 180 -7.05 -2.10 -7.19
CA LYS B 180 -7.58 -1.98 -8.55
C LYS B 180 -8.99 -2.56 -8.57
N TYR B 181 -9.62 -2.47 -9.74
CA TYR B 181 -10.92 -3.08 -9.98
C TYR B 181 -10.72 -4.35 -10.79
N ASP B 182 -11.05 -5.49 -10.19
CA ASP B 182 -10.96 -6.77 -10.87
C ASP B 182 -12.10 -6.86 -11.89
N ILE B 183 -11.77 -6.62 -13.16
CA ILE B 183 -12.80 -6.64 -14.20
C ILE B 183 -13.35 -8.04 -14.46
N LYS B 184 -12.76 -9.06 -13.85
CA LYS B 184 -13.24 -10.42 -13.97
C LYS B 184 -14.06 -10.87 -12.76
N ASP B 185 -14.16 -10.04 -11.72
CA ASP B 185 -14.96 -10.33 -10.53
C ASP B 185 -16.18 -9.40 -10.56
N VAL B 186 -17.18 -9.80 -11.34
CA VAL B 186 -18.43 -9.06 -11.45
C VAL B 186 -19.47 -9.71 -10.56
N GLY B 187 -20.23 -8.87 -9.85
CA GLY B 187 -21.24 -9.38 -8.92
C GLY B 187 -22.66 -9.05 -9.34
N VAL B 188 -22.95 -9.22 -10.63
CA VAL B 188 -24.29 -8.94 -11.14
C VAL B 188 -25.24 -10.10 -10.88
N ASP B 189 -24.74 -11.32 -10.72
CA ASP B 189 -25.58 -12.51 -10.60
C ASP B 189 -25.49 -13.17 -9.23
N ASN B 190 -25.00 -12.46 -8.21
CA ASN B 190 -24.91 -13.07 -6.90
C ASN B 190 -26.28 -13.07 -6.21
N ALA B 191 -26.32 -13.58 -4.99
CA ALA B 191 -27.60 -13.75 -4.29
C ALA B 191 -28.26 -12.42 -3.98
N GLY B 192 -27.45 -11.42 -3.57
CA GLY B 192 -28.03 -10.13 -3.24
C GLY B 192 -28.62 -9.42 -4.45
N ALA B 193 -27.96 -9.52 -5.59
CA ALA B 193 -28.49 -8.91 -6.81
C ALA B 193 -29.76 -9.61 -7.27
N LYS B 194 -29.78 -10.94 -7.19
CA LYS B 194 -31.00 -11.68 -7.54
C LYS B 194 -32.14 -11.31 -6.62
N ALA B 195 -31.87 -11.16 -5.33
CA ALA B 195 -32.93 -10.81 -4.38
C ALA B 195 -33.50 -9.43 -4.68
N GLY B 196 -32.64 -8.47 -5.02
CA GLY B 196 -33.11 -7.13 -5.32
C GLY B 196 -33.94 -7.07 -6.59
N LEU B 197 -33.42 -7.65 -7.68
CA LEU B 197 -34.15 -7.64 -8.94
C LEU B 197 -35.43 -8.45 -8.85
N THR B 198 -35.43 -9.53 -8.09
CA THR B 198 -36.65 -10.32 -7.90
C THR B 198 -37.73 -9.50 -7.21
N PHE B 199 -37.35 -8.73 -6.20
CA PHE B 199 -38.33 -7.88 -5.51
C PHE B 199 -38.92 -6.86 -6.46
N LEU B 200 -38.10 -6.29 -7.35
CA LEU B 200 -38.62 -5.36 -8.34
C LEU B 200 -39.57 -6.04 -9.31
N VAL B 201 -39.20 -7.23 -9.79
CA VAL B 201 -40.07 -7.97 -10.71
C VAL B 201 -41.38 -8.36 -10.02
N ASP B 202 -41.30 -8.76 -8.75
CA ASP B 202 -42.52 -9.07 -8.02
C ASP B 202 -43.41 -7.83 -7.85
N LEU B 203 -42.80 -6.65 -7.73
CA LEU B 203 -43.59 -5.42 -7.66
C LEU B 203 -44.35 -5.19 -8.96
N ILE B 204 -43.74 -5.51 -10.10
CA ILE B 204 -44.40 -5.34 -11.38
C ILE B 204 -45.46 -6.42 -11.59
N LYS B 205 -45.18 -7.64 -11.13
CA LYS B 205 -46.15 -8.73 -11.28
C LYS B 205 -47.42 -8.46 -10.48
N ASN B 206 -47.28 -7.86 -9.29
CA ASN B 206 -48.42 -7.53 -8.46
C ASN B 206 -49.04 -6.19 -8.81
N LYS B 207 -48.73 -5.66 -10.01
CA LYS B 207 -49.32 -4.43 -10.55
C LYS B 207 -49.02 -3.20 -9.67
N HIS B 208 -48.05 -3.30 -8.77
CA HIS B 208 -47.64 -2.12 -8.01
C HIS B 208 -46.82 -1.15 -8.86
N MET B 209 -46.18 -1.64 -9.91
CA MET B 209 -45.46 -0.80 -10.86
C MET B 209 -45.69 -1.32 -12.27
N ASN B 210 -45.47 -0.45 -13.24
CA ASN B 210 -45.58 -0.78 -14.65
C ASN B 210 -44.18 -0.83 -15.25
N ALA B 211 -43.88 -1.91 -15.97
CA ALA B 211 -42.54 -2.11 -16.50
C ALA B 211 -42.18 -1.11 -17.61
N ASP B 212 -43.18 -0.44 -18.19
CA ASP B 212 -42.93 0.52 -19.27
C ASP B 212 -42.60 1.91 -18.76
N THR B 213 -42.58 2.13 -17.45
CA THR B 213 -42.34 3.45 -16.90
C THR B 213 -40.94 3.93 -17.23
N ASP B 214 -40.84 5.12 -17.82
CA ASP B 214 -39.56 5.76 -18.11
C ASP B 214 -39.41 7.03 -17.28
N TYR B 215 -38.50 7.90 -17.67
CA TYR B 215 -38.25 9.12 -16.91
C TYR B 215 -39.45 10.07 -16.99
N SER B 216 -39.99 10.27 -18.20
CA SER B 216 -41.07 11.23 -18.39
C SER B 216 -42.35 10.77 -17.69
N ILE B 217 -42.67 9.48 -17.78
CA ILE B 217 -43.90 8.98 -17.17
C ILE B 217 -43.86 9.14 -15.66
N ALA B 218 -42.72 8.82 -15.04
CA ALA B 218 -42.62 8.91 -13.58
C ALA B 218 -42.60 10.37 -13.13
N GLU B 219 -41.91 11.24 -13.86
CA GLU B 219 -41.83 12.65 -13.47
C GLU B 219 -43.21 13.30 -13.56
N ALA B 220 -43.94 13.05 -14.65
CA ALA B 220 -45.27 13.62 -14.81
C ALA B 220 -46.23 13.06 -13.76
N ALA B 221 -46.10 11.77 -13.43
CA ALA B 221 -47.01 11.17 -12.45
C ALA B 221 -46.81 11.77 -11.07
N PHE B 222 -45.56 11.99 -10.67
CA PHE B 222 -45.30 12.55 -9.34
C PHE B 222 -45.59 14.04 -9.28
N ASN B 223 -45.27 14.77 -10.34
CA ASN B 223 -45.54 16.21 -10.39
C ASN B 223 -47.01 16.53 -10.60
N LYS B 224 -47.84 15.55 -10.92
CA LYS B 224 -49.28 15.73 -10.97
C LYS B 224 -49.98 15.16 -9.74
N GLY B 225 -49.24 14.57 -8.82
CA GLY B 225 -49.83 13.97 -7.64
C GLY B 225 -50.42 12.60 -7.84
N GLU B 226 -50.17 11.96 -8.99
CA GLU B 226 -50.73 10.65 -9.28
C GLU B 226 -50.02 9.53 -8.52
N THR B 227 -48.76 9.74 -8.14
CA THR B 227 -48.03 8.78 -7.32
C THR B 227 -47.42 9.51 -6.13
N ALA B 228 -47.23 8.78 -5.04
CA ALA B 228 -46.79 9.38 -3.79
C ALA B 228 -45.27 9.36 -3.61
N MET B 229 -44.53 8.63 -4.43
CA MET B 229 -43.09 8.57 -4.31
C MET B 229 -42.44 8.45 -5.67
N THR B 230 -41.17 8.83 -5.73
CA THR B 230 -40.33 8.61 -6.90
C THR B 230 -38.88 8.57 -6.44
N ILE B 231 -38.01 8.17 -7.35
CA ILE B 231 -36.58 8.06 -7.09
C ILE B 231 -35.84 8.85 -8.14
N ASN B 232 -35.11 9.87 -7.73
CA ASN B 232 -34.43 10.74 -8.69
C ASN B 232 -33.33 11.52 -8.00
N GLY B 233 -32.54 12.23 -8.81
CA GLY B 233 -31.45 13.03 -8.31
C GLY B 233 -31.81 14.50 -8.21
N PRO B 234 -30.82 15.32 -7.84
CA PRO B 234 -31.10 16.75 -7.59
C PRO B 234 -31.64 17.50 -8.79
N TRP B 235 -31.29 17.07 -10.01
CA TRP B 235 -31.70 17.81 -11.20
C TRP B 235 -33.22 17.89 -11.33
N ALA B 236 -33.94 16.93 -10.75
CA ALA B 236 -35.40 16.91 -10.87
C ALA B 236 -36.10 17.85 -9.90
N TRP B 237 -35.39 18.34 -8.89
CA TRP B 237 -36.03 19.17 -7.86
C TRP B 237 -36.65 20.43 -8.47
N SER B 238 -36.02 20.98 -9.51
CA SER B 238 -36.50 22.23 -10.09
C SER B 238 -37.89 22.06 -10.71
N ASN B 239 -38.11 20.97 -11.44
CA ASN B 239 -39.42 20.74 -12.05
C ASN B 239 -40.50 20.49 -11.01
N ILE B 240 -40.14 19.86 -9.88
CA ILE B 240 -41.12 19.63 -8.83
C ILE B 240 -41.47 20.95 -8.13
N ASP B 241 -40.55 21.91 -8.13
CA ASP B 241 -40.86 23.24 -7.61
C ASP B 241 -41.90 23.94 -8.47
N THR B 242 -41.78 23.82 -9.79
CA THR B 242 -42.74 24.45 -10.70
C THR B 242 -44.15 23.92 -10.47
N SER B 243 -44.28 22.66 -10.08
CA SER B 243 -45.59 22.10 -9.77
C SER B 243 -45.99 22.47 -8.34
N ALA B 244 -47.23 22.13 -7.99
CA ALA B 244 -47.77 22.40 -6.66
C ALA B 244 -47.67 21.17 -5.77
N VAL B 245 -46.47 20.59 -5.68
CA VAL B 245 -46.23 19.39 -4.90
C VAL B 245 -45.36 19.74 -3.72
N ASN B 246 -45.86 19.47 -2.51
CA ASN B 246 -45.07 19.60 -1.29
C ASN B 246 -44.20 18.35 -1.18
N TYR B 247 -43.02 18.40 -1.79
CA TYR B 247 -42.15 17.24 -1.90
C TYR B 247 -41.06 17.27 -0.85
N GLY B 248 -40.65 16.09 -0.41
CA GLY B 248 -39.54 15.94 0.50
C GLY B 248 -38.51 14.98 -0.07
N VAL B 249 -37.25 15.25 0.26
CA VAL B 249 -36.12 14.45 -0.20
C VAL B 249 -35.53 13.75 1.02
N THR B 250 -35.55 12.41 1.00
CA THR B 250 -35.16 11.63 2.17
C THR B 250 -34.36 10.41 1.74
N VAL B 251 -34.00 9.59 2.73
CA VAL B 251 -33.16 8.42 2.49
C VAL B 251 -33.94 7.36 1.74
N LEU B 252 -33.26 6.68 0.81
CA LEU B 252 -33.88 5.61 0.05
C LEU B 252 -34.30 4.47 0.99
N PRO B 253 -35.38 3.76 0.66
CA PRO B 253 -35.84 2.66 1.52
C PRO B 253 -34.79 1.57 1.64
N THR B 254 -34.84 0.85 2.76
CA THR B 254 -33.95 -0.27 2.99
C THR B 254 -34.54 -1.54 2.39
N PHE B 255 -33.66 -2.49 2.10
CA PHE B 255 -34.06 -3.79 1.54
C PHE B 255 -33.36 -4.88 2.34
N LYS B 256 -34.15 -5.74 2.99
CA LYS B 256 -33.64 -6.79 3.85
C LYS B 256 -32.73 -6.23 4.94
N GLY B 257 -33.14 -5.11 5.54
CA GLY B 257 -32.38 -4.46 6.59
C GLY B 257 -31.20 -3.64 6.11
N GLN B 258 -30.77 -3.80 4.87
CA GLN B 258 -29.61 -3.10 4.33
C GLN B 258 -30.04 -1.82 3.62
N PRO B 259 -29.26 -0.75 3.71
CA PRO B 259 -29.60 0.46 2.96
C PRO B 259 -29.47 0.25 1.47
N SER B 260 -30.28 0.98 0.71
CA SER B 260 -30.10 1.01 -0.73
C SER B 260 -28.76 1.66 -1.04
N LYS B 261 -28.06 1.09 -2.02
CA LYS B 261 -26.72 1.56 -2.34
C LYS B 261 -26.71 2.21 -3.73
N PRO B 262 -27.08 3.48 -3.84
CA PRO B 262 -27.07 4.13 -5.15
C PRO B 262 -25.64 4.35 -5.63
N PHE B 263 -25.46 4.24 -6.94
CA PHE B 263 -24.17 4.53 -7.53
C PHE B 263 -23.94 6.04 -7.53
N VAL B 264 -22.91 6.48 -6.82
CA VAL B 264 -22.63 7.91 -6.66
C VAL B 264 -21.89 8.40 -7.89
N GLY B 265 -22.43 9.44 -8.52
CA GLY B 265 -21.82 10.05 -9.69
C GLY B 265 -21.29 11.43 -9.36
N VAL B 266 -20.22 11.81 -10.04
CA VAL B 266 -19.63 13.14 -9.93
C VAL B 266 -19.73 13.76 -11.31
N LEU B 267 -20.69 14.67 -11.49
CA LEU B 267 -20.80 15.41 -12.73
C LEU B 267 -19.50 16.15 -13.00
N SER B 268 -18.94 15.95 -14.19
CA SER B 268 -17.61 16.47 -14.49
C SER B 268 -17.60 17.02 -15.91
N ALA B 269 -16.60 17.86 -16.18
CA ALA B 269 -16.44 18.51 -17.48
C ALA B 269 -15.08 18.13 -18.04
N GLY B 270 -15.08 17.39 -19.15
CA GLY B 270 -13.86 17.02 -19.83
C GLY B 270 -13.61 17.89 -21.05
N ILE B 271 -12.35 17.95 -21.46
CA ILE B 271 -11.93 18.76 -22.59
C ILE B 271 -11.47 17.84 -23.70
N ASN B 272 -12.03 18.04 -24.90
CA ASN B 272 -11.66 17.23 -26.06
C ASN B 272 -10.17 17.34 -26.32
N ALA B 273 -9.51 16.18 -26.44
CA ALA B 273 -8.09 16.16 -26.70
C ALA B 273 -7.74 16.68 -28.09
N ALA B 274 -8.72 16.74 -28.99
CA ALA B 274 -8.52 17.28 -30.32
C ALA B 274 -8.99 18.73 -30.45
N SER B 275 -9.49 19.32 -29.36
CA SER B 275 -9.99 20.67 -29.42
C SER B 275 -8.84 21.66 -29.64
N PRO B 276 -9.04 22.66 -30.50
CA PRO B 276 -8.05 23.74 -30.65
C PRO B 276 -8.26 24.92 -29.71
N ASN B 277 -9.14 24.79 -28.72
CA ASN B 277 -9.48 25.86 -27.79
C ASN B 277 -9.29 25.39 -26.35
N LYS B 278 -8.23 24.60 -26.11
CA LYS B 278 -8.02 24.05 -24.77
C LYS B 278 -7.79 25.15 -23.75
N GLU B 279 -7.00 26.17 -24.10
CA GLU B 279 -6.79 27.28 -23.19
C GLU B 279 -8.09 28.00 -22.88
N LEU B 280 -8.92 28.20 -23.90
CA LEU B 280 -10.20 28.88 -23.70
C LEU B 280 -11.13 28.04 -22.81
N ALA B 281 -11.18 26.73 -23.04
CA ALA B 281 -12.03 25.86 -22.24
C ALA B 281 -11.59 25.83 -20.78
N LYS B 282 -10.29 25.78 -20.54
CA LYS B 282 -9.79 25.84 -19.17
C LYS B 282 -10.09 27.20 -18.53
N GLU B 283 -10.03 28.27 -19.33
CA GLU B 283 -10.40 29.59 -18.84
C GLU B 283 -11.86 29.66 -18.45
N PHE B 284 -12.74 29.10 -19.29
CA PHE B 284 -14.17 29.13 -19.01
C PHE B 284 -14.52 28.27 -17.81
N LEU B 285 -13.91 27.08 -17.70
CA LEU B 285 -14.28 26.17 -16.63
C LEU B 285 -13.73 26.62 -15.28
N GLU B 286 -12.48 27.10 -15.25
CA GLU B 286 -11.86 27.46 -13.98
C GLU B 286 -12.33 28.81 -13.47
N ASN B 287 -12.40 29.82 -14.34
CA ASN B 287 -12.62 31.19 -13.92
C ASN B 287 -14.06 31.66 -14.09
N TYR B 288 -14.93 30.87 -14.70
CA TYR B 288 -16.30 31.32 -14.93
C TYR B 288 -17.32 30.32 -14.39
N LEU B 289 -17.19 29.05 -14.76
CA LEU B 289 -18.16 28.06 -14.29
C LEU B 289 -17.91 27.66 -12.84
N LEU B 290 -16.69 27.25 -12.52
CA LEU B 290 -16.36 26.80 -11.17
C LEU B 290 -16.15 27.99 -10.24
N THR B 291 -17.17 28.84 -10.19
CA THR B 291 -17.27 29.95 -9.25
C THR B 291 -18.62 29.90 -8.57
N ASP B 292 -18.79 30.72 -7.54
CA ASP B 292 -20.07 30.77 -6.84
C ASP B 292 -21.18 31.27 -7.76
N GLU B 293 -20.86 32.23 -8.63
CA GLU B 293 -21.89 32.82 -9.49
C GLU B 293 -22.27 31.88 -10.61
N GLY B 294 -21.28 31.26 -11.26
CA GLY B 294 -21.59 30.34 -12.34
C GLY B 294 -22.33 29.11 -11.86
N LEU B 295 -21.86 28.51 -10.76
CA LEU B 295 -22.56 27.36 -10.21
C LEU B 295 -23.95 27.72 -9.71
N GLU B 296 -24.14 28.97 -9.28
CA GLU B 296 -25.49 29.42 -8.90
C GLU B 296 -26.40 29.47 -10.12
N ALA B 297 -25.87 29.91 -11.26
CA ALA B 297 -26.68 30.01 -12.46
C ALA B 297 -27.17 28.63 -12.91
N VAL B 298 -26.29 27.63 -12.87
CA VAL B 298 -26.69 26.28 -13.26
C VAL B 298 -27.58 25.66 -12.19
N ASN B 299 -27.29 25.92 -10.91
CA ASN B 299 -28.09 25.34 -9.84
C ASN B 299 -29.50 25.92 -9.82
N LYS B 300 -29.66 27.19 -10.20
CA LYS B 300 -30.99 27.80 -10.25
C LYS B 300 -31.82 27.23 -11.39
N ASP B 301 -31.18 26.79 -12.46
CA ASP B 301 -31.88 26.11 -13.54
C ASP B 301 -32.27 24.71 -13.09
N LYS B 302 -31.29 23.85 -12.84
CA LYS B 302 -31.52 22.50 -12.33
C LYS B 302 -30.51 22.25 -11.22
N PRO B 303 -30.95 21.89 -10.02
CA PRO B 303 -29.99 21.70 -8.92
C PRO B 303 -28.95 20.65 -9.24
N LEU B 304 -27.72 20.88 -8.75
CA LEU B 304 -26.58 20.02 -9.05
C LEU B 304 -26.27 19.03 -7.92
N GLY B 305 -26.84 19.22 -6.74
CA GLY B 305 -26.43 18.44 -5.58
C GLY B 305 -25.34 19.14 -4.79
N ALA B 306 -24.45 18.37 -4.18
CA ALA B 306 -23.34 18.95 -3.43
C ALA B 306 -22.22 19.31 -4.41
N VAL B 307 -22.02 20.60 -4.63
CA VAL B 307 -21.06 21.04 -5.64
C VAL B 307 -19.63 20.77 -5.15
N ALA B 308 -18.72 20.68 -6.12
CA ALA B 308 -17.31 20.45 -5.80
C ALA B 308 -16.62 21.70 -5.27
N LEU B 309 -17.17 22.88 -5.52
CA LEU B 309 -16.57 24.12 -5.03
C LEU B 309 -16.88 24.29 -3.55
N LYS B 310 -15.83 24.38 -2.73
CA LYS B 310 -16.03 24.39 -1.28
C LYS B 310 -16.88 25.55 -0.82
N SER B 311 -16.63 26.76 -1.37
CA SER B 311 -17.33 27.95 -0.89
C SER B 311 -18.82 27.87 -1.16
N TYR B 312 -19.19 27.49 -2.39
CA TYR B 312 -20.62 27.43 -2.73
C TYR B 312 -21.28 26.21 -2.10
N GLU B 313 -20.52 25.14 -1.85
CA GLU B 313 -21.08 23.98 -1.17
C GLU B 313 -21.37 24.30 0.29
N GLU B 314 -20.47 25.06 0.93
CA GLU B 314 -20.72 25.49 2.31
C GLU B 314 -21.95 26.37 2.41
N GLU B 315 -22.25 27.15 1.37
CA GLU B 315 -23.41 28.03 1.41
C GLU B 315 -24.70 27.23 1.25
N LEU B 316 -24.71 26.24 0.36
CA LEU B 316 -25.89 25.43 0.12
C LEU B 316 -26.00 24.22 1.06
N ALA B 317 -25.08 24.07 2.01
CA ALA B 317 -25.02 22.86 2.81
C ALA B 317 -26.24 22.71 3.71
N LYS B 318 -26.84 23.82 4.15
CA LYS B 318 -27.98 23.74 5.06
C LYS B 318 -29.23 23.17 4.40
N ASP B 319 -29.25 23.04 3.08
CA ASP B 319 -30.42 22.49 2.39
C ASP B 319 -30.63 21.04 2.80
N PRO B 320 -31.76 20.69 3.43
CA PRO B 320 -31.98 19.29 3.80
C PRO B 320 -32.11 18.36 2.61
N ARG B 321 -32.43 18.88 1.42
CA ARG B 321 -32.43 18.03 0.23
C ARG B 321 -31.01 17.61 -0.13
N ILE B 322 -30.04 18.50 0.05
CA ILE B 322 -28.65 18.12 -0.18
C ILE B 322 -28.14 17.23 0.94
N ALA B 323 -28.67 17.41 2.16
CA ALA B 323 -28.30 16.53 3.26
C ALA B 323 -28.79 15.10 3.01
N ALA B 324 -29.99 14.96 2.46
CA ALA B 324 -30.48 13.63 2.11
C ALA B 324 -29.68 13.04 0.95
N THR B 325 -29.30 13.87 -0.02
CA THR B 325 -28.44 13.42 -1.10
C THR B 325 -27.11 12.92 -0.56
N MET B 326 -26.54 13.63 0.41
CA MET B 326 -25.27 13.21 1.00
C MET B 326 -25.43 11.92 1.79
N GLU B 327 -26.54 11.77 2.51
CA GLU B 327 -26.75 10.55 3.29
C GLU B 327 -26.86 9.33 2.39
N ASN B 328 -27.68 9.42 1.34
CA ASN B 328 -27.77 8.32 0.38
C ASN B 328 -26.44 8.10 -0.33
N ALA B 329 -25.64 9.16 -0.49
CA ALA B 329 -24.32 9.01 -1.12
C ALA B 329 -23.38 8.23 -0.23
N GLN B 330 -23.41 8.49 1.08
CA GLN B 330 -22.55 7.75 2.01
C GLN B 330 -22.96 6.29 2.12
N LYS B 331 -24.26 6.01 2.04
CA LYS B 331 -24.74 4.64 2.04
C LYS B 331 -24.55 3.94 0.70
N GLY B 332 -24.16 4.67 -0.34
CA GLY B 332 -23.95 4.13 -1.66
C GLY B 332 -22.50 3.80 -1.92
N GLU B 333 -22.10 3.93 -3.18
CA GLU B 333 -20.76 3.58 -3.61
C GLU B 333 -20.41 4.39 -4.85
N ILE B 334 -19.16 4.86 -4.92
CA ILE B 334 -18.73 5.67 -6.05
C ILE B 334 -18.69 4.81 -7.31
N MET B 335 -19.03 5.41 -8.43
CA MET B 335 -18.98 4.69 -9.70
C MET B 335 -17.52 4.53 -10.14
N PRO B 336 -17.10 3.33 -10.54
CA PRO B 336 -15.77 3.18 -11.15
C PRO B 336 -15.73 3.91 -12.49
N ASN B 337 -14.53 4.36 -12.85
CA ASN B 337 -14.31 5.01 -14.14
C ASN B 337 -13.58 4.12 -15.12
N ILE B 338 -13.47 2.82 -14.84
CA ILE B 338 -12.76 1.90 -15.71
C ILE B 338 -13.48 1.81 -17.05
N PRO B 339 -12.78 1.52 -18.15
CA PRO B 339 -13.44 1.55 -19.46
C PRO B 339 -14.57 0.54 -19.61
N GLN B 340 -14.58 -0.54 -18.83
CA GLN B 340 -15.60 -1.57 -18.96
C GLN B 340 -16.95 -1.14 -18.37
N MET B 341 -17.04 0.05 -17.78
CA MET B 341 -18.31 0.48 -17.19
C MET B 341 -19.39 0.66 -18.25
N SER B 342 -19.00 0.96 -19.49
CA SER B 342 -19.98 1.06 -20.56
C SER B 342 -20.63 -0.29 -20.84
N ALA B 343 -19.83 -1.36 -20.89
CA ALA B 343 -20.37 -2.69 -21.07
C ALA B 343 -21.19 -3.13 -19.86
N PHE B 344 -20.77 -2.72 -18.67
CA PHE B 344 -21.52 -3.06 -17.46
C PHE B 344 -22.92 -2.45 -17.50
N TRP B 345 -23.02 -1.17 -17.84
CA TRP B 345 -24.32 -0.51 -17.85
C TRP B 345 -25.24 -1.11 -18.91
N TYR B 346 -24.71 -1.38 -20.10
CA TYR B 346 -25.53 -2.01 -21.14
C TYR B 346 -25.99 -3.39 -20.70
N ALA B 347 -25.12 -4.16 -20.05
CA ALA B 347 -25.48 -5.50 -19.59
C ALA B 347 -26.62 -5.44 -18.58
N VAL B 348 -26.50 -4.55 -17.59
CA VAL B 348 -27.51 -4.49 -16.54
C VAL B 348 -28.81 -3.90 -17.07
N ARG B 349 -28.74 -2.96 -18.01
CA ARG B 349 -29.96 -2.40 -18.59
C ARG B 349 -30.76 -3.48 -19.30
N THR B 350 -30.10 -4.30 -20.10
CA THR B 350 -30.77 -5.40 -20.78
C THR B 350 -31.40 -6.35 -19.77
N ALA B 351 -30.67 -6.69 -18.71
CA ALA B 351 -31.18 -7.64 -17.71
C ALA B 351 -32.40 -7.08 -16.99
N VAL B 352 -32.35 -5.80 -16.59
CA VAL B 352 -33.48 -5.20 -15.88
C VAL B 352 -34.70 -5.14 -16.77
N ILE B 353 -34.53 -4.75 -18.04
CA ILE B 353 -35.66 -4.67 -18.96
C ILE B 353 -36.22 -6.06 -19.24
N ASN B 354 -35.35 -7.02 -19.54
CA ASN B 354 -35.81 -8.37 -19.86
C ASN B 354 -36.43 -9.06 -18.65
N ALA B 355 -35.99 -8.71 -17.44
CA ALA B 355 -36.61 -9.30 -16.25
C ALA B 355 -37.90 -8.60 -15.89
N ALA B 356 -37.97 -7.29 -16.10
CA ALA B 356 -39.17 -6.54 -15.74
C ALA B 356 -40.31 -6.81 -16.71
N SER B 357 -39.99 -6.92 -18.02
CA SER B 357 -41.01 -7.18 -19.01
C SER B 357 -41.52 -8.61 -18.99
N GLY B 358 -40.85 -9.51 -18.27
CA GLY B 358 -41.20 -10.92 -18.27
C GLY B 358 -40.59 -11.72 -19.40
N ARG B 359 -39.72 -11.12 -20.21
CA ARG B 359 -39.09 -11.86 -21.30
C ARG B 359 -38.19 -12.96 -20.77
N GLN B 360 -37.42 -12.67 -19.73
CA GLN B 360 -36.51 -13.65 -19.13
C GLN B 360 -36.72 -13.70 -17.63
N THR B 361 -36.38 -14.85 -17.05
CA THR B 361 -36.33 -14.95 -15.60
C THR B 361 -35.19 -14.09 -15.06
N VAL B 362 -35.22 -13.86 -13.75
CA VAL B 362 -34.14 -13.11 -13.11
C VAL B 362 -32.82 -13.84 -13.28
N ASP B 363 -32.83 -15.17 -13.14
CA ASP B 363 -31.60 -15.95 -13.26
C ASP B 363 -31.02 -15.85 -14.66
N ALA B 364 -31.86 -15.99 -15.69
CA ALA B 364 -31.37 -15.92 -17.06
C ALA B 364 -30.91 -14.52 -17.42
N ALA B 365 -31.63 -13.50 -16.97
CA ALA B 365 -31.26 -12.13 -17.29
C ALA B 365 -29.94 -11.74 -16.64
N LEU B 366 -29.77 -12.06 -15.36
CA LEU B 366 -28.55 -11.70 -14.66
C LEU B 366 -27.37 -12.58 -15.05
N ALA B 367 -27.62 -13.83 -15.46
CA ALA B 367 -26.52 -14.67 -15.94
C ALA B 367 -25.97 -14.15 -17.25
N ALA B 368 -26.85 -13.69 -18.15
CA ALA B 368 -26.39 -13.08 -19.39
C ALA B 368 -25.67 -11.77 -19.13
N ALA B 369 -26.13 -11.01 -18.12
CA ALA B 369 -25.49 -9.75 -17.78
C ALA B 369 -24.14 -9.97 -17.12
N GLN B 370 -24.03 -11.00 -16.28
CA GLN B 370 -22.74 -11.33 -15.68
C GLN B 370 -21.72 -11.71 -16.74
N THR B 371 -22.16 -12.40 -17.79
CA THR B 371 -21.25 -12.80 -18.86
C THR B 371 -20.85 -11.62 -19.73
N ASN B 372 -21.83 -10.77 -20.09
CA ASN B 372 -21.55 -9.66 -20.99
C ASN B 372 -20.76 -8.53 -20.32
N ALA B 373 -20.92 -8.35 -19.01
CA ALA B 373 -20.21 -7.28 -18.33
C ALA B 373 -18.73 -7.60 -18.17
N ALA B 374 -18.40 -8.87 -17.85
CA ALA B 374 -17.01 -9.23 -17.60
C ALA B 374 -16.19 -9.17 -18.87
N ARG B 375 -16.77 -9.53 -20.01
CA ARG B 375 -16.05 -9.49 -21.27
C ARG B 375 -16.05 -8.07 -21.84
N ALA B 376 -15.16 -7.85 -22.81
CA ALA B 376 -15.04 -6.54 -23.45
C ALA B 376 -14.41 -6.68 -24.83
N MET B 379 -11.00 -3.43 -26.41
CA MET B 379 -11.94 -2.86 -27.38
C MET B 379 -11.49 -3.12 -28.81
N ASP B 380 -11.81 -2.19 -29.69
CA ASP B 380 -11.40 -2.30 -31.09
C ASP B 380 -9.89 -2.13 -31.21
N LYS B 381 -9.21 -3.17 -31.69
CA LYS B 381 -7.75 -3.18 -31.75
C LYS B 381 -7.26 -2.37 -32.94
N CYS B 382 -6.33 -1.45 -32.69
CA CYS B 382 -5.78 -0.60 -33.74
C CYS B 382 -4.26 -0.48 -33.64
N TRP B 383 -3.60 -1.35 -32.89
CA TRP B 383 -2.16 -1.28 -32.70
C TRP B 383 -1.50 -2.51 -33.32
N PHE B 384 -0.48 -2.27 -34.15
CA PHE B 384 0.22 -3.31 -34.87
C PHE B 384 1.69 -3.33 -34.44
N THR B 385 2.20 -4.53 -34.19
CA THR B 385 3.60 -4.68 -33.81
C THR B 385 4.51 -4.54 -35.02
N LEU B 386 5.74 -4.09 -34.76
CA LEU B 386 6.75 -3.91 -35.79
C LEU B 386 7.77 -5.04 -35.65
N ASP B 387 7.45 -6.18 -36.25
CA ASP B 387 8.36 -7.32 -36.24
C ASP B 387 9.44 -7.14 -37.29
N ASN B 388 10.50 -7.94 -37.17
CA ASN B 388 11.65 -7.89 -38.07
C ASN B 388 12.29 -6.50 -38.07
N ALA B 389 12.14 -5.76 -36.98
CA ALA B 389 12.63 -4.39 -36.93
C ALA B 389 12.67 -3.92 -35.48
N HIS B 390 13.83 -3.41 -35.08
CA HIS B 390 14.00 -2.71 -33.80
C HIS B 390 14.34 -1.25 -34.16
N TYR B 391 13.31 -0.42 -34.24
CA TYR B 391 13.44 0.99 -34.61
C TYR B 391 13.57 1.85 -33.38
N PRO B 392 14.55 2.76 -33.34
CA PRO B 392 14.74 3.58 -32.15
C PRO B 392 13.57 4.53 -31.95
N PRO B 393 13.29 4.91 -30.71
CA PRO B 393 12.20 5.87 -30.46
C PRO B 393 12.63 7.27 -30.82
N PRO B 394 11.81 8.00 -31.58
CA PRO B 394 12.13 9.40 -31.87
C PRO B 394 11.92 10.26 -30.62
N SER B 395 12.91 11.10 -30.33
CA SER B 395 12.80 11.98 -29.16
C SER B 395 11.63 12.94 -29.32
N LEU B 396 11.08 13.36 -28.18
CA LEU B 396 9.96 14.29 -28.20
C LEU B 396 10.32 15.58 -28.92
N ASP B 397 11.59 15.99 -28.86
CA ASP B 397 12.01 17.20 -29.54
C ASP B 397 11.93 17.05 -31.06
N SER B 398 12.30 15.88 -31.58
CA SER B 398 12.34 15.67 -33.02
C SER B 398 10.98 15.31 -33.61
N MET B 399 9.96 15.08 -32.79
CA MET B 399 8.66 14.68 -33.31
C MET B 399 8.01 15.82 -34.10
N ARG B 400 8.22 17.06 -33.66
CA ARG B 400 7.73 18.23 -34.37
C ARG B 400 8.78 18.83 -35.31
N SER B 401 9.90 18.13 -35.51
CA SER B 401 11.01 18.72 -36.25
C SER B 401 10.71 18.81 -37.75
N GLY B 402 9.89 17.89 -38.27
CA GLY B 402 9.68 17.77 -39.70
C GLY B 402 10.59 16.77 -40.37
N HIS B 403 11.68 16.37 -39.72
CA HIS B 403 12.60 15.37 -40.27
C HIS B 403 13.09 14.44 -39.15
N PRO B 404 12.16 13.72 -38.49
CA PRO B 404 12.60 12.76 -37.48
C PRO B 404 13.38 11.62 -38.11
N ILE B 405 14.26 11.02 -37.31
CA ILE B 405 15.20 10.03 -37.85
C ILE B 405 14.53 8.67 -37.97
N SER B 406 13.77 8.27 -36.96
CA SER B 406 13.23 6.91 -36.93
C SER B 406 12.12 6.75 -37.96
N PRO B 407 12.08 5.62 -38.67
CA PRO B 407 10.98 5.40 -39.63
C PRO B 407 9.62 5.32 -38.97
N ALA B 408 9.55 4.94 -37.69
CA ALA B 408 8.29 4.85 -36.97
C ALA B 408 8.15 6.08 -36.09
N SER B 409 7.81 7.19 -36.73
CA SER B 409 7.53 8.44 -36.04
C SER B 409 6.23 9.02 -36.56
N LEU B 410 5.57 9.82 -35.72
CA LEU B 410 4.27 10.35 -36.05
C LEU B 410 4.35 11.24 -37.29
N GLY B 411 3.32 11.15 -38.15
CA GLY B 411 3.25 11.94 -39.34
C GLY B 411 3.83 11.31 -40.58
N HIS B 412 4.58 10.21 -40.45
CA HIS B 412 5.16 9.56 -41.61
C HIS B 412 4.08 8.92 -42.48
N LEU B 413 4.27 9.01 -43.79
CA LEU B 413 3.34 8.45 -44.76
C LEU B 413 3.98 7.27 -45.46
N ILE B 414 3.28 6.13 -45.47
CA ILE B 414 3.81 4.90 -46.02
C ILE B 414 2.79 4.29 -46.99
N PRO B 415 3.22 3.51 -47.97
CA PRO B 415 2.24 2.80 -48.81
C PRO B 415 1.41 1.81 -48.02
N SER B 416 2.03 1.14 -47.04
CA SER B 416 1.37 0.16 -46.20
C SER B 416 2.29 -0.17 -45.04
N LEU B 417 1.74 -0.88 -44.05
CA LEU B 417 2.54 -1.28 -42.90
C LEU B 417 3.68 -2.19 -43.31
N ALA B 418 3.43 -3.08 -44.29
CA ALA B 418 4.49 -3.94 -44.80
C ALA B 418 5.57 -3.17 -45.54
N HIS B 419 5.32 -1.91 -45.88
CA HIS B 419 6.31 -1.11 -46.59
C HIS B 419 6.70 0.13 -45.77
N LEU B 420 7.00 -0.07 -44.49
CA LEU B 420 7.53 1.03 -43.68
C LEU B 420 8.89 1.49 -44.18
N ASP B 421 9.54 0.68 -45.04
CA ASP B 421 10.79 1.09 -45.65
C ASP B 421 10.62 2.31 -46.56
N GLN B 422 9.44 2.48 -47.13
CA GLN B 422 9.16 3.58 -48.06
C GLN B 422 8.42 4.67 -47.32
N ILE B 423 9.18 5.57 -46.68
CA ILE B 423 8.59 6.74 -46.04
C ILE B 423 8.42 7.81 -47.12
N ILE B 424 7.17 8.08 -47.50
CA ILE B 424 6.91 8.97 -48.62
C ILE B 424 7.35 10.40 -48.29
N ASN B 425 6.97 10.90 -47.13
CA ASN B 425 7.33 12.25 -46.71
C ASN B 425 8.55 12.26 -45.81
N ALA B 426 9.56 11.46 -46.14
CA ALA B 426 10.75 11.37 -45.30
C ALA B 426 11.50 12.69 -45.28
N LYS B 427 11.82 13.16 -44.07
CA LYS B 427 12.49 14.45 -43.85
C LYS B 427 11.70 15.62 -44.44
N ALA B 428 10.40 15.41 -44.70
CA ALA B 428 9.56 16.43 -45.29
C ALA B 428 8.14 16.30 -44.74
N ILE B 429 8.01 16.06 -43.44
CA ILE B 429 6.69 15.99 -42.82
C ILE B 429 6.10 17.39 -42.77
N GLU B 430 4.85 17.51 -43.22
CA GLU B 430 4.16 18.80 -43.15
C GLU B 430 4.14 19.28 -41.70
N PRO B 431 4.51 20.53 -41.44
CA PRO B 431 4.55 21.01 -40.06
C PRO B 431 3.20 20.88 -39.38
N PHE B 432 3.20 20.29 -38.19
CA PHE B 432 1.98 20.16 -37.42
C PHE B 432 1.45 21.54 -37.05
N PRO B 433 0.18 21.84 -37.31
CA PRO B 433 -0.38 23.11 -36.85
C PRO B 433 -0.34 23.20 -35.33
N ALA B 434 -0.32 24.44 -34.83
CA ALA B 434 -0.21 24.67 -33.39
C ALA B 434 -1.37 24.05 -32.63
N THR B 435 -2.51 23.83 -33.27
CA THR B 435 -3.66 23.25 -32.62
C THR B 435 -3.57 21.74 -32.50
N MET B 436 -2.68 21.10 -33.26
CA MET B 436 -2.58 19.64 -33.32
C MET B 436 -1.48 19.20 -32.36
N ASP B 437 -1.87 18.81 -31.15
CA ASP B 437 -0.91 18.42 -30.11
C ASP B 437 -0.55 16.96 -30.22
N ILE B 438 0.65 16.63 -29.74
CA ILE B 438 1.12 15.25 -29.65
C ILE B 438 1.02 14.84 -28.20
N HIS B 439 0.14 13.88 -27.92
CA HIS B 439 -0.10 13.45 -26.55
C HIS B 439 0.92 12.39 -26.15
N GLY B 440 1.51 12.55 -24.97
CA GLY B 440 2.50 11.62 -24.48
C GLY B 440 3.69 12.33 -23.86
N PRO B 441 4.60 11.56 -23.23
CA PRO B 441 4.59 10.11 -23.02
C PRO B 441 3.48 9.70 -22.04
N THR B 442 2.70 8.68 -22.39
CA THR B 442 1.63 8.19 -21.53
C THR B 442 1.91 6.74 -21.20
N ILE B 443 2.17 6.46 -19.92
CA ILE B 443 2.45 5.11 -19.47
C ILE B 443 1.17 4.29 -19.52
N ILE B 444 1.14 3.28 -20.38
CA ILE B 444 -0.05 2.45 -20.51
C ILE B 444 0.13 1.15 -19.71
N GLU B 445 1.38 0.73 -19.53
CA GLU B 445 1.66 -0.49 -18.78
C GLU B 445 2.97 -0.34 -18.03
N ASP B 446 2.97 -0.77 -16.77
CA ASP B 446 4.18 -0.89 -15.96
C ASP B 446 4.49 -2.37 -15.78
N PHE B 447 5.64 -2.80 -16.29
CA PHE B 447 5.99 -4.22 -16.32
C PHE B 447 6.57 -4.62 -14.97
N LYS B 448 5.82 -5.42 -14.22
CA LYS B 448 6.28 -5.98 -12.95
C LYS B 448 6.65 -7.44 -13.19
N TRP B 449 7.79 -7.65 -13.83
CA TRP B 449 8.25 -8.99 -14.15
C TRP B 449 8.59 -9.77 -12.89
N ASN B 478 -5.94 -13.26 -18.40
CA ASN B 478 -4.74 -12.44 -18.45
C ASN B 478 -5.04 -11.08 -19.07
N VAL B 479 -5.31 -10.09 -18.23
CA VAL B 479 -5.62 -8.74 -18.66
C VAL B 479 -4.35 -7.91 -18.64
N GLY B 480 -4.20 -7.04 -19.64
CA GLY B 480 -3.02 -6.23 -19.79
C GLY B 480 -2.27 -6.58 -21.07
N LEU B 481 -1.10 -5.95 -21.22
CA LEU B 481 -0.28 -6.10 -22.42
C LEU B 481 0.97 -6.93 -22.19
N GLY B 482 1.19 -7.41 -20.96
CA GLY B 482 2.39 -8.18 -20.69
C GLY B 482 2.47 -9.44 -21.53
N GLY B 483 1.33 -10.08 -21.77
CA GLY B 483 1.32 -11.29 -22.58
C GLY B 483 1.74 -11.02 -24.01
N ALA B 484 1.11 -10.02 -24.64
CA ALA B 484 1.43 -9.70 -26.03
C ALA B 484 2.89 -9.27 -26.18
N PHE B 485 3.40 -8.51 -25.22
CA PHE B 485 4.78 -8.04 -25.31
C PHE B 485 5.76 -9.18 -25.11
N SER B 486 5.50 -10.06 -24.14
CA SER B 486 6.40 -11.18 -23.89
C SER B 486 6.40 -12.17 -25.04
N ARG B 487 5.24 -12.39 -25.66
CA ARG B 487 5.18 -13.26 -26.84
C ARG B 487 5.85 -12.65 -28.05
N SER B 488 6.02 -11.32 -28.06
CA SER B 488 6.59 -10.60 -29.21
C SER B 488 8.07 -10.30 -29.04
N VAL B 489 8.50 -9.93 -27.83
CA VAL B 489 9.88 -9.52 -27.57
C VAL B 489 10.58 -10.64 -26.80
N ALA B 490 11.75 -11.05 -27.31
CA ALA B 490 12.49 -12.14 -26.67
C ALA B 490 13.04 -11.71 -25.31
N ASN B 491 13.77 -10.60 -25.27
CA ASN B 491 14.27 -10.04 -24.02
C ASN B 491 13.25 -9.12 -23.37
N TYR B 492 12.03 -9.64 -23.21
CA TYR B 492 10.91 -8.83 -22.73
C TYR B 492 11.11 -8.36 -21.29
N TRP B 493 11.89 -9.10 -20.49
CA TRP B 493 12.07 -8.72 -19.09
C TRP B 493 12.91 -7.47 -18.95
N GLU B 494 13.80 -7.20 -19.91
CA GLU B 494 14.69 -6.04 -19.80
C GLU B 494 13.95 -4.72 -19.92
N PHE B 495 12.72 -4.73 -20.41
CA PHE B 495 11.92 -3.53 -20.56
C PHE B 495 10.84 -3.50 -19.48
N ASP B 496 10.63 -2.32 -18.89
CA ASP B 496 9.75 -2.19 -17.73
C ASP B 496 8.61 -1.21 -17.95
N ARG B 497 8.41 -0.70 -19.16
CA ARG B 497 7.44 0.37 -19.35
C ARG B 497 7.01 0.44 -20.81
N LEU B 498 5.75 0.84 -21.02
CA LEU B 498 5.21 1.09 -22.35
C LEU B 498 4.66 2.52 -22.36
N GLU B 499 5.16 3.34 -23.28
CA GLU B 499 4.77 4.74 -23.38
C GLU B 499 4.10 5.00 -24.73
N ARG B 500 3.03 5.77 -24.70
CA ARG B 500 2.17 5.99 -25.86
C ARG B 500 2.25 7.44 -26.31
N TYR B 501 2.47 7.65 -27.60
CA TYR B 501 2.47 8.97 -28.21
C TYR B 501 1.38 9.01 -29.28
N ILE B 502 0.43 9.93 -29.13
CA ILE B 502 -0.77 9.97 -29.95
C ILE B 502 -0.95 11.36 -30.55
N MET B 503 -1.31 11.40 -31.83
CA MET B 503 -1.74 12.63 -32.49
C MET B 503 -2.97 12.33 -33.34
N GLN B 504 -3.83 13.33 -33.48
CA GLN B 504 -5.05 13.21 -34.28
C GLN B 504 -4.99 14.20 -35.43
N PRO B 505 -4.60 13.77 -36.63
CA PRO B 505 -4.48 14.70 -37.75
C PRO B 505 -5.83 15.24 -38.19
N THR B 506 -5.85 16.52 -38.54
CA THR B 506 -7.06 17.19 -39.00
C THR B 506 -7.18 17.08 -40.51
N ARG B 507 -8.39 17.37 -41.01
CA ARG B 507 -8.63 17.30 -42.44
C ARG B 507 -7.79 18.33 -43.20
N SER B 508 -7.67 19.55 -42.65
CA SER B 508 -6.87 20.58 -43.31
C SER B 508 -5.39 20.24 -43.27
N TYR B 509 -4.92 19.54 -42.24
CA TYR B 509 -3.53 19.11 -42.21
C TYR B 509 -3.27 18.02 -43.25
N VAL B 510 -4.19 17.03 -43.34
CA VAL B 510 -4.03 15.98 -44.33
C VAL B 510 -4.11 16.55 -45.74
N GLN B 511 -4.98 17.53 -45.94
CA GLN B 511 -5.08 18.18 -47.24
C GLN B 511 -3.75 18.80 -47.66
N LYS B 512 -3.03 19.40 -46.69
CA LYS B 512 -1.71 19.95 -47.00
C LYS B 512 -0.69 18.85 -47.22
N CYS B 513 -0.82 17.72 -46.52
CA CYS B 513 0.09 16.60 -46.75
C CYS B 513 -0.09 16.04 -48.15
N ILE B 514 -1.34 15.84 -48.57
CA ILE B 514 -1.63 15.23 -49.86
C ILE B 514 -1.12 16.10 -51.01
N GLU B 515 -1.16 17.42 -50.84
CA GLU B 515 -0.76 18.35 -51.90
C GLU B 515 0.74 18.57 -51.98
N ARG B 516 1.53 17.92 -51.12
CA ARG B 516 2.97 18.10 -51.15
C ARG B 516 3.57 17.32 -52.32
N ASP B 517 4.75 17.78 -52.76
CA ASP B 517 5.38 17.18 -53.94
C ASP B 517 5.68 15.70 -53.72
N GLU B 518 6.10 15.32 -52.51
CA GLU B 518 6.48 13.93 -52.27
C GLU B 518 5.30 13.00 -52.45
N VAL B 519 4.14 13.35 -51.90
CA VAL B 519 2.96 12.50 -52.05
C VAL B 519 2.48 12.52 -53.50
N LYS B 520 2.54 13.69 -54.15
CA LYS B 520 2.09 13.80 -55.54
C LYS B 520 2.97 12.97 -56.46
N ARG B 521 4.28 12.94 -56.22
CA ARG B 521 5.17 12.13 -57.04
C ARG B 521 4.93 10.64 -56.80
N TRP B 522 4.63 10.25 -55.56
CA TRP B 522 4.39 8.84 -55.28
C TRP B 522 3.10 8.36 -55.92
N ILE B 523 2.05 9.19 -55.89
CA ILE B 523 0.79 8.81 -56.51
C ILE B 523 0.95 8.72 -58.02
N ALA B 524 1.76 9.61 -58.61
CA ALA B 524 1.95 9.63 -60.06
C ALA B 524 2.67 8.41 -60.59
N LYS B 525 3.19 7.54 -59.72
CA LYS B 525 3.87 6.33 -60.17
C LYS B 525 2.91 5.20 -60.49
N ASN B 526 1.61 5.40 -60.33
CA ASN B 526 0.63 4.37 -60.65
C ASN B 526 0.62 4.09 -62.15
N LYS B 527 0.48 2.81 -62.51
CA LYS B 527 0.44 2.39 -63.89
C LYS B 527 -0.81 1.59 -64.24
N SER B 528 -1.73 1.42 -63.29
CA SER B 528 -2.95 0.64 -63.51
C SER B 528 -4.11 1.58 -63.83
N MET B 529 -4.88 1.23 -64.87
CA MET B 529 -6.05 2.01 -65.23
C MET B 529 -7.16 1.88 -64.19
N MET B 530 -7.18 0.77 -63.45
CA MET B 530 -8.16 0.59 -62.39
C MET B 530 -7.93 1.54 -61.22
N MET B 531 -6.71 2.08 -61.09
CA MET B 531 -6.36 2.94 -59.98
C MET B 531 -6.31 4.42 -60.34
N MET B 532 -6.56 4.77 -61.60
CA MET B 532 -6.56 6.18 -61.97
C MET B 532 -7.68 6.91 -61.26
N GLY B 533 -7.34 8.05 -60.65
CA GLY B 533 -8.26 8.76 -59.79
C GLY B 533 -8.38 8.19 -58.40
N ARG B 534 -7.64 7.14 -58.08
CA ARG B 534 -7.69 6.48 -56.78
C ARG B 534 -6.29 6.39 -56.19
N TRP B 535 -6.21 6.51 -54.87
CA TRP B 535 -4.96 6.29 -54.16
C TRP B 535 -5.27 5.92 -52.73
N GLU B 536 -4.24 5.41 -52.04
CA GLU B 536 -4.38 4.93 -50.67
C GLU B 536 -3.04 5.09 -49.97
N VAL B 537 -3.02 5.82 -48.86
CA VAL B 537 -1.82 6.02 -48.06
C VAL B 537 -2.15 5.73 -46.61
N TYR B 538 -1.09 5.53 -45.82
CA TYR B 538 -1.21 5.33 -44.38
C TYR B 538 -0.33 6.33 -43.66
N MET B 539 -0.86 6.93 -42.60
CA MET B 539 -0.12 7.85 -41.76
C MET B 539 0.02 7.24 -40.37
N ILE B 540 1.25 7.26 -39.85
CA ILE B 540 1.50 6.84 -38.47
C ILE B 540 0.90 7.90 -37.55
N THR B 541 -0.21 7.56 -36.89
CA THR B 541 -0.85 8.46 -35.95
C THR B 541 -0.66 8.04 -34.50
N GLY B 542 0.13 7.00 -34.26
CA GLY B 542 0.39 6.54 -32.91
C GLY B 542 1.59 5.64 -32.83
N ILE B 543 2.40 5.80 -31.79
CA ILE B 543 3.52 4.91 -31.52
C ILE B 543 3.48 4.51 -30.06
N ILE B 544 3.93 3.29 -29.78
CA ILE B 544 4.03 2.79 -28.41
C ILE B 544 5.46 2.32 -28.21
N VAL B 545 6.18 2.98 -27.31
CA VAL B 545 7.61 2.79 -27.12
C VAL B 545 7.84 1.89 -25.92
N ALA B 546 8.76 0.94 -26.07
CA ALA B 546 9.16 0.05 -24.98
C ALA B 546 10.35 0.67 -24.27
N ARG B 547 10.12 1.14 -23.04
CA ARG B 547 11.15 1.79 -22.23
C ARG B 547 11.78 0.75 -21.31
N GLY B 548 13.09 0.55 -21.44
CA GLY B 548 13.79 -0.42 -20.63
C GLY B 548 15.03 0.12 -19.96
N GLY B 549 16.14 -0.59 -20.08
CA GLY B 549 17.40 -0.17 -19.46
C GLY B 549 17.83 -1.08 -18.33
N SER B 593 18.32 -9.37 -31.51
CA SER B 593 18.05 -8.99 -30.13
C SER B 593 18.81 -7.72 -29.74
N GLN B 594 18.09 -6.71 -29.26
CA GLN B 594 18.66 -5.44 -28.86
C GLN B 594 18.18 -5.07 -27.47
N THR B 595 19.05 -4.40 -26.72
CA THR B 595 18.78 -4.00 -25.34
C THR B 595 18.47 -2.50 -25.22
N GLY B 596 18.31 -1.81 -26.34
CA GLY B 596 17.94 -0.42 -26.32
C GLY B 596 16.44 -0.21 -26.50
N ASP B 597 15.99 1.01 -26.20
CA ASP B 597 14.59 1.35 -26.37
C ASP B 597 14.20 1.26 -27.85
N PHE B 598 12.93 0.99 -28.09
CA PHE B 598 12.45 0.81 -29.46
C PHE B 598 10.94 0.99 -29.48
N VAL B 599 10.43 1.36 -30.65
CA VAL B 599 8.99 1.42 -30.87
C VAL B 599 8.48 0.01 -31.10
N TRP B 600 7.51 -0.41 -30.30
CA TRP B 600 7.00 -1.78 -30.35
C TRP B 600 5.70 -1.88 -31.13
N ALA B 601 4.81 -0.90 -31.00
CA ALA B 601 3.53 -0.90 -31.70
C ALA B 601 3.32 0.44 -32.39
N VAL B 602 2.46 0.41 -33.41
CA VAL B 602 2.17 1.60 -34.20
C VAL B 602 0.67 1.64 -34.49
N ARG B 603 0.15 2.85 -34.67
CA ARG B 603 -1.26 3.06 -35.01
C ARG B 603 -1.31 3.81 -36.34
N LEU B 604 -2.12 3.31 -37.27
CA LEU B 604 -2.17 3.83 -38.62
C LEU B 604 -3.53 4.46 -38.92
N ALA B 605 -3.51 5.49 -39.77
CA ALA B 605 -4.71 6.08 -40.34
C ALA B 605 -4.67 5.86 -41.85
N LYS B 606 -5.73 5.26 -42.40
CA LYS B 606 -5.80 4.97 -43.82
C LYS B 606 -6.52 6.12 -44.53
N ILE B 607 -5.83 6.74 -45.48
CA ILE B 607 -6.36 7.87 -46.24
C ILE B 607 -6.61 7.41 -47.67
N THR B 608 -7.87 7.50 -48.11
CA THR B 608 -8.32 6.87 -49.34
C THR B 608 -9.11 7.85 -50.19
N LYS B 609 -8.86 7.81 -51.50
CA LYS B 609 -9.68 8.50 -52.50
C LYS B 609 -10.19 7.45 -53.47
N SER B 610 -11.51 7.36 -53.63
CA SER B 610 -12.14 6.32 -54.42
C SER B 610 -12.37 6.72 -55.88
N GLY B 611 -12.25 8.00 -56.21
CA GLY B 611 -12.50 8.44 -57.57
C GLY B 611 -12.39 9.95 -57.65
N LEU B 612 -12.61 10.45 -58.87
CA LEU B 612 -12.47 11.89 -59.10
C LEU B 612 -13.52 12.68 -58.34
N HIS B 613 -14.74 12.16 -58.27
CA HIS B 613 -15.87 12.89 -57.69
C HIS B 613 -16.06 12.61 -56.22
N SER B 614 -15.17 11.85 -55.60
CA SER B 614 -15.27 11.53 -54.18
C SER B 614 -14.06 12.12 -53.47
N ASP B 615 -14.31 13.10 -52.61
CA ASP B 615 -13.25 13.66 -51.79
C ASP B 615 -12.64 12.57 -50.92
N TRP B 616 -11.35 12.71 -50.63
CA TRP B 616 -10.66 11.70 -49.84
C TRP B 616 -11.27 11.60 -48.44
N LYS B 617 -11.18 10.41 -47.86
CA LYS B 617 -11.61 10.17 -46.50
C LYS B 617 -10.51 9.42 -45.76
N MET B 618 -10.52 9.52 -44.44
CA MET B 618 -9.53 8.84 -43.62
C MET B 618 -10.20 8.20 -42.42
N GLU B 619 -9.63 7.09 -41.96
CA GLU B 619 -10.14 6.39 -40.78
C GLU B 619 -9.00 5.61 -40.15
N THR B 620 -9.11 5.39 -38.84
CA THR B 620 -8.12 4.58 -38.14
C THR B 620 -8.26 3.12 -38.54
N VAL B 621 -7.13 2.48 -38.86
CA VAL B 621 -7.15 1.08 -39.24
C VAL B 621 -7.38 0.22 -38.01
N PHE B 622 -8.47 -0.55 -38.02
CA PHE B 622 -8.83 -1.44 -36.92
C PHE B 622 -8.80 -2.89 -37.38
N GLY B 623 -8.46 -3.77 -36.46
CA GLY B 623 -8.51 -5.20 -36.71
C GLY B 623 -7.35 -5.76 -37.51
N LYS B 624 -7.23 -5.33 -38.76
CA LYS B 624 -6.21 -5.88 -39.65
C LYS B 624 -5.89 -4.86 -40.73
N THR B 625 -4.72 -5.03 -41.34
CA THR B 625 -4.33 -4.27 -42.51
C THR B 625 -4.63 -5.07 -43.76
N SER B 626 -5.06 -4.40 -44.82
CA SER B 626 -5.52 -5.04 -46.04
C SER B 626 -4.35 -5.08 -47.04
N SER B 627 -3.56 -6.14 -46.97
CA SER B 627 -2.42 -6.32 -47.87
C SER B 627 -1.94 -7.75 -47.75
N PHE B 628 -0.86 -8.07 -48.48
CA PHE B 628 -0.22 -9.37 -48.39
C PHE B 628 0.30 -9.61 -46.99
N ARG B 629 -0.17 -10.68 -46.36
CA ARG B 629 0.11 -10.97 -44.95
C ARG B 629 -0.15 -9.74 -44.09
N GLY B 630 -1.38 -9.24 -44.18
CA GLY B 630 -1.79 -8.09 -43.41
C GLY B 630 -1.71 -8.35 -41.92
N GLN B 631 -0.80 -7.66 -41.24
CA GLN B 631 -0.65 -7.85 -39.81
C GLN B 631 -1.95 -7.54 -39.09
N LYS B 632 -2.31 -8.39 -38.15
CA LYS B 632 -3.51 -8.18 -37.34
C LYS B 632 -3.19 -7.30 -36.15
N ALA B 633 -4.19 -6.57 -35.69
CA ALA B 633 -4.01 -5.65 -34.57
C ALA B 633 -4.04 -6.42 -33.26
N ILE B 634 -2.92 -6.39 -32.54
CA ILE B 634 -2.81 -7.16 -31.30
C ILE B 634 -3.62 -6.53 -30.18
N PHE B 635 -3.78 -5.22 -30.19
CA PHE B 635 -4.57 -4.52 -29.20
C PHE B 635 -4.96 -3.12 -29.67
C1 GLC C . 29.20 -11.55 15.65
C2 GLC C . 28.53 -11.99 16.93
C3 GLC C . 27.54 -10.98 17.45
C4 GLC C . 28.17 -9.59 17.50
C5 GLC C . 28.75 -9.25 16.14
C6 GLC C . 29.47 -7.92 16.13
O1 GLC C . 28.26 -11.58 14.62
O2 GLC C . 27.90 -13.25 16.73
O3 GLC C . 27.09 -11.37 18.75
O4 GLC C . 27.18 -8.63 17.83
O5 GLC C . 29.72 -10.23 15.78
O6 GLC C . 29.64 -7.45 14.80
C1 GLC C . 27.34 -8.21 19.18
C2 GLC C . 25.97 -8.05 19.78
C3 GLC C . 25.19 -7.02 19.01
C4 GLC C . 25.96 -5.70 19.00
C5 GLC C . 27.36 -5.93 18.47
C6 GLC C . 28.22 -4.70 18.57
O2 GLC C . 25.30 -9.31 19.78
O3 GLC C . 23.91 -6.85 19.60
O4 GLC C . 25.29 -4.77 18.17
O5 GLC C . 28.01 -6.95 19.23
O6 GLC C . 29.45 -4.85 17.87
C1 GLC D . -28.47 11.10 -14.75
C2 GLC D . -27.16 10.95 -14.01
C3 GLC D . -26.24 9.97 -14.70
C4 GLC D . -26.95 8.66 -15.01
C5 GLC D . -28.27 8.93 -15.72
C6 GLC D . -29.10 7.68 -15.91
O1 GLC D . -28.23 11.72 -15.97
O2 GLC D . -26.53 12.22 -13.89
O3 GLC D . -25.11 9.73 -13.86
O4 GLC D . -26.16 7.88 -15.88
O5 GLC D . -29.07 9.82 -14.94
O6 GLC D . -30.27 7.93 -16.68
C1 GLC D . -25.54 6.81 -15.15
C2 GLC D . -24.13 6.69 -15.67
C3 GLC D . -24.15 6.33 -17.14
C4 GLC D . -24.94 5.04 -17.33
C5 GLC D . -26.34 5.19 -16.74
C6 GLC D . -27.12 3.90 -16.77
O2 GLC D . -23.43 7.91 -15.46
O3 GLC D . -22.83 6.18 -17.62
O4 GLC D . -25.06 4.74 -18.71
O5 GLC D . -26.24 5.58 -15.35
O6 GLC D . -28.43 4.07 -16.25
#